data_6ILT
#
_entry.id   6ILT
#
_cell.length_a   99.445
_cell.length_b   99.445
_cell.length_c   164.952
_cell.angle_alpha   90.00
_cell.angle_beta   90.00
_cell.angle_gamma   90.00
#
_symmetry.space_group_name_H-M   'P 42 21 2'
#
loop_
_entity.id
_entity.type
_entity.pdbx_description
1 polymer Ribokinase
2 non-polymer "ADENOSINE-5'-TRIPHOSPHATE"
3 non-polymer 'MAGNESIUM ION'
4 non-polymer 'SODIUM ION'
5 water water
#
_entity_poly.entity_id   1
_entity_poly.type   'polypeptide(L)'
_entity_poly.pdbx_seq_one_letter_code
;MAPPLVVVGSANADIYVEIERLPKEGETISAKTGQTLAGGKGANQAACGAKLMYPTYFVGRLGEDAHGKLIAEALGDDGC
GVHLDYVRSVNNEPTGHAVVMLQSDGQNSIIIVGGANMKAWPEIMSDDDLEIVRNAGIVLLQREIPDSINIQVAKAVKKA
GVPVILDVGGMDTPIPNELLDSIDILSPNETELSRLTGMPTETFEQISQAVAKCHKLGVKQVLVKLGSKGSALFIQGEKP
IQQSIIPAAQVVDTTGAGDTFTAAFAVAMVEGKSHEECLRFAAAAASLCVQVKGAIPSMPDRKSVLKLLKFSI
;
_entity_poly.pdbx_strand_id   A,B
#
loop_
_chem_comp.id
_chem_comp.type
_chem_comp.name
_chem_comp.formula
ATP non-polymer ADENOSINE-5'-TRIPHOSPHATE 'C10 H16 N5 O13 P3'
MG non-polymer 'MAGNESIUM ION' 'Mg 2'
NA non-polymer 'SODIUM ION' 'Na 1'
#
# COMPACT_ATOMS: atom_id res chain seq x y z
N MET A 1 13.28 3.88 -33.68
CA MET A 1 11.84 3.70 -33.82
C MET A 1 11.21 4.89 -34.54
N ALA A 2 10.06 5.31 -34.03
CA ALA A 2 9.36 6.50 -34.53
C ALA A 2 9.39 7.56 -33.44
N PRO A 3 8.98 8.80 -33.76
CA PRO A 3 8.93 9.81 -32.69
C PRO A 3 7.96 9.39 -31.58
N PRO A 4 8.49 9.13 -30.39
CA PRO A 4 7.73 8.48 -29.33
C PRO A 4 6.52 9.25 -28.83
N LEU A 5 5.60 8.47 -28.30
CA LEU A 5 4.62 8.98 -27.36
C LEU A 5 5.33 9.30 -26.04
N VAL A 6 5.10 10.49 -25.52
CA VAL A 6 5.69 10.85 -24.24
C VAL A 6 4.58 11.26 -23.28
N VAL A 7 4.41 10.46 -22.24
CA VAL A 7 3.41 10.72 -21.23
C VAL A 7 4.09 11.33 -20.00
N VAL A 8 3.68 12.54 -19.66
CA VAL A 8 4.21 13.19 -18.47
C VAL A 8 3.10 13.27 -17.46
N GLY A 9 3.28 12.65 -16.30
CA GLY A 9 2.15 12.58 -15.41
C GLY A 9 2.33 11.71 -14.19
N SER A 10 1.21 11.17 -13.75
CA SER A 10 1.11 10.51 -12.46
C SER A 10 1.24 9.02 -12.53
N ALA A 11 1.75 8.45 -11.45
CA ALA A 11 1.79 7.01 -11.26
C ALA A 11 1.40 6.75 -9.82
N ASN A 12 0.42 5.88 -9.62
CA ASN A 12 -0.13 5.60 -8.30
C ASN A 12 -0.22 4.13 -8.01
N ALA A 13 0.01 3.75 -6.76
CA ALA A 13 -0.43 2.43 -6.33
C ALA A 13 -1.88 2.59 -5.90
N ASP A 14 -2.78 1.86 -6.57
CA ASP A 14 -4.17 1.83 -6.12
C ASP A 14 -4.36 0.67 -5.18
N ILE A 15 -4.76 0.97 -3.96
CA ILE A 15 -4.92 -0.02 -2.91
C ILE A 15 -6.42 -0.28 -2.68
N TYR A 16 -6.97 -1.32 -3.32
CA TYR A 16 -8.39 -1.61 -3.14
C TYR A 16 -8.62 -2.52 -1.95
N VAL A 17 -9.61 -2.18 -1.12
CA VAL A 17 -10.03 -3.06 -0.05
C VAL A 17 -11.56 -3.24 -0.03
N GLU A 18 -12.02 -4.49 -0.08
CA GLU A 18 -13.45 -4.74 0.03
C GLU A 18 -13.87 -4.75 1.49
N ILE A 19 -14.71 -3.79 1.84
CA ILE A 19 -15.13 -3.56 3.22
C ILE A 19 -16.66 -3.64 3.32
N GLU A 20 -17.18 -4.17 4.43
CA GLU A 20 -18.61 -4.16 4.67
C GLU A 20 -19.05 -2.71 4.85
N ARG A 21 -18.44 -2.06 5.83
CA ARG A 21 -18.73 -0.66 6.16
C ARG A 21 -17.45 0.07 6.62
N LEU A 22 -17.29 1.32 6.19
CA LEU A 22 -16.17 2.16 6.64
C LEU A 22 -16.07 2.09 8.15
N PRO A 23 -14.85 2.01 8.69
CA PRO A 23 -14.75 1.89 10.15
C PRO A 23 -15.13 3.18 10.87
N LYS A 24 -15.54 3.08 12.13
CA LYS A 24 -15.83 4.28 12.91
C LYS A 24 -14.52 4.80 13.50
N GLU A 25 -14.43 6.11 13.70
CA GLU A 25 -13.25 6.73 14.31
C GLU A 25 -12.85 5.94 15.56
N GLY A 26 -11.60 5.49 15.61
CA GLY A 26 -11.12 4.68 16.72
C GLY A 26 -11.13 3.19 16.42
N GLU A 27 -12.02 2.77 15.52
CA GLU A 27 -12.27 1.36 15.26
C GLU A 27 -11.36 0.68 14.24
N THR A 28 -10.99 -0.56 14.52
CA THR A 28 -10.27 -1.41 13.59
C THR A 28 -11.17 -2.47 12.96
N ILE A 29 -11.18 -2.54 11.62
CA ILE A 29 -12.01 -3.53 10.92
C ILE A 29 -11.19 -4.35 9.93
N SER A 30 -11.77 -5.45 9.47
CA SER A 30 -11.10 -6.31 8.50
C SER A 30 -11.82 -6.25 7.17
N ALA A 31 -11.09 -6.57 6.11
CA ALA A 31 -11.65 -6.55 4.78
C ALA A 31 -11.85 -7.98 4.33
N LYS A 32 -12.81 -8.19 3.44
CA LYS A 32 -12.95 -9.47 2.76
C LYS A 32 -11.63 -9.81 2.10
N THR A 33 -11.15 -8.92 1.24
CA THR A 33 -9.81 -9.03 0.68
C THR A 33 -9.34 -7.68 0.16
N GLY A 34 -8.17 -7.66 -0.44
CA GLY A 34 -7.63 -6.42 -0.95
C GLY A 34 -6.58 -6.71 -1.98
N GLN A 35 -6.47 -5.82 -2.96
CA GLN A 35 -5.45 -5.95 -3.97
C GLN A 35 -4.87 -4.57 -4.26
N THR A 36 -3.56 -4.54 -4.50
CA THR A 36 -2.85 -3.30 -4.72
C THR A 36 -2.28 -3.31 -6.12
N LEU A 37 -2.77 -2.38 -6.94
CA LEU A 37 -2.46 -2.38 -8.37
C LEU A 37 -1.74 -1.11 -8.81
N ALA A 38 -0.82 -1.27 -9.76
CA ALA A 38 -0.20 -0.17 -10.45
C ALA A 38 -1.28 0.61 -11.19
N GLY A 39 -1.28 1.93 -11.03
CA GLY A 39 -2.30 2.80 -11.55
C GLY A 39 -1.83 4.25 -11.66
N GLY A 40 -2.76 5.19 -11.61
CA GLY A 40 -2.45 6.58 -11.88
C GLY A 40 -2.65 6.87 -13.37
N LYS A 41 -3.24 8.03 -13.68
CA LYS A 41 -3.58 8.37 -15.05
C LYS A 41 -2.40 8.36 -16.01
N GLY A 42 -1.24 8.84 -15.56
CA GLY A 42 -0.12 8.95 -16.46
C GLY A 42 0.38 7.55 -16.77
N ALA A 43 0.44 6.71 -15.73
CA ALA A 43 0.95 5.35 -15.95
C ALA A 43 0.00 4.52 -16.83
N ASN A 44 -1.31 4.66 -16.62
CA ASN A 44 -2.31 3.97 -17.43
C ASN A 44 -2.10 4.33 -18.89
N GLN A 45 -2.08 5.63 -19.14
CA GLN A 45 -1.89 6.13 -20.49
C GLN A 45 -0.58 5.66 -21.10
N ALA A 46 0.51 5.72 -20.35
CA ALA A 46 1.79 5.22 -20.90
C ALA A 46 1.71 3.70 -21.17
N ALA A 47 1.14 2.95 -20.23
CA ALA A 47 0.98 1.50 -20.37
C ALA A 47 0.18 1.17 -21.63
N CYS A 48 -0.93 1.90 -21.82
CA CYS A 48 -1.78 1.67 -22.99
C CYS A 48 -0.97 1.87 -24.29
N GLY A 49 -0.28 3.00 -24.38
CA GLY A 49 0.59 3.28 -25.51
C GLY A 49 1.57 2.16 -25.82
N ALA A 50 2.29 1.69 -24.81
CA ALA A 50 3.27 0.62 -25.03
C ALA A 50 2.63 -0.72 -25.44
N LYS A 51 1.42 -1.00 -24.95
CA LYS A 51 0.69 -2.21 -25.36
C LYS A 51 0.26 -2.14 -26.83
N LEU A 52 -0.02 -0.93 -27.31
CA LEU A 52 -0.37 -0.72 -28.71
C LEU A 52 0.89 -0.72 -29.56
N MET A 53 2.00 -1.16 -28.95
CA MET A 53 3.25 -1.37 -29.66
C MET A 53 3.70 -0.10 -30.34
N TYR A 54 3.48 1.04 -29.67
CA TYR A 54 4.10 2.27 -30.09
C TYR A 54 5.20 2.66 -29.09
N PRO A 55 6.34 3.22 -29.58
CA PRO A 55 7.40 3.64 -28.64
C PRO A 55 6.91 4.70 -27.65
N THR A 56 6.98 4.37 -26.37
CA THR A 56 6.34 5.19 -25.37
C THR A 56 7.25 5.41 -24.16
N TYR A 57 7.40 6.68 -23.78
CA TYR A 57 8.17 7.07 -22.62
C TYR A 57 7.22 7.53 -21.55
N PHE A 58 7.58 7.29 -20.29
CA PHE A 58 6.82 7.85 -19.19
C PHE A 58 7.74 8.77 -18.37
N VAL A 59 7.33 10.03 -18.20
CA VAL A 59 8.06 10.94 -17.32
C VAL A 59 7.24 11.19 -16.07
N GLY A 60 7.80 10.81 -14.93
CA GLY A 60 7.07 10.88 -13.69
C GLY A 60 8.01 10.81 -12.50
N ARG A 61 7.43 10.82 -11.30
CA ARG A 61 8.22 10.82 -10.10
C ARG A 61 7.67 9.76 -9.17
N LEU A 62 8.57 8.94 -8.64
CA LEU A 62 8.24 7.89 -7.67
C LEU A 62 8.96 8.09 -6.32
N GLY A 63 8.42 7.48 -5.27
CA GLY A 63 9.19 7.34 -4.06
C GLY A 63 10.09 6.13 -4.24
N GLU A 64 11.20 6.08 -3.50
CA GLU A 64 12.02 4.87 -3.46
C GLU A 64 11.43 3.94 -2.41
N ASP A 65 10.45 3.14 -2.82
CA ASP A 65 9.64 2.35 -1.90
C ASP A 65 8.92 1.27 -2.69
N ALA A 66 8.22 0.38 -2.01
CA ALA A 66 7.57 -0.78 -2.64
C ALA A 66 6.63 -0.38 -3.78
N HIS A 67 5.80 0.64 -3.56
CA HIS A 67 4.86 1.08 -4.59
C HIS A 67 5.59 1.59 -5.81
N GLY A 68 6.67 2.32 -5.57
CA GLY A 68 7.57 2.74 -6.61
C GLY A 68 8.01 1.55 -7.43
N LYS A 69 8.51 0.52 -6.75
CA LYS A 69 8.93 -0.75 -7.37
C LYS A 69 7.81 -1.38 -8.16
N LEU A 70 6.62 -1.37 -7.56
CA LEU A 70 5.42 -1.92 -8.20
C LEU A 70 5.11 -1.23 -9.53
N ILE A 71 5.25 0.09 -9.58
CA ILE A 71 4.89 0.82 -10.79
C ILE A 71 5.90 0.48 -11.89
N ALA A 72 7.19 0.55 -11.58
CA ALA A 72 8.19 0.31 -12.61
C ALA A 72 8.16 -1.12 -13.15
N GLU A 73 7.79 -2.08 -12.31
CA GLU A 73 7.77 -3.47 -12.73
C GLU A 73 6.66 -3.64 -13.73
N ALA A 74 5.51 -3.07 -13.41
CA ALA A 74 4.35 -3.11 -14.30
C ALA A 74 4.53 -2.38 -15.63
N LEU A 75 5.25 -1.26 -15.64
CA LEU A 75 5.37 -0.48 -16.89
C LEU A 75 6.57 -0.88 -17.75
N GLY A 76 7.59 -1.46 -17.12
CA GLY A 76 8.86 -1.67 -17.79
C GLY A 76 9.05 -2.93 -18.60
N ASP A 77 10.31 -3.32 -18.75
CA ASP A 77 10.73 -4.39 -19.65
C ASP A 77 10.08 -5.74 -19.31
N ASP A 78 9.72 -5.93 -18.05
CA ASP A 78 9.03 -7.14 -17.61
C ASP A 78 7.51 -6.99 -17.61
N GLY A 79 7.02 -5.83 -18.05
CA GLY A 79 5.60 -5.54 -18.06
C GLY A 79 5.18 -4.99 -19.40
N CYS A 80 4.55 -3.81 -19.40
CA CYS A 80 3.99 -3.23 -20.63
C CYS A 80 5.03 -2.75 -21.62
N GLY A 81 6.28 -2.60 -21.20
CA GLY A 81 7.33 -2.18 -22.13
C GLY A 81 7.42 -0.67 -22.37
N VAL A 82 6.96 0.11 -21.41
CA VAL A 82 7.18 1.56 -21.42
C VAL A 82 8.66 1.85 -21.15
N HIS A 83 9.22 2.85 -21.82
CA HIS A 83 10.56 3.33 -21.46
C HIS A 83 10.51 4.23 -20.23
N LEU A 84 11.21 3.80 -19.19
CA LEU A 84 11.19 4.51 -17.93
C LEU A 84 12.42 5.42 -17.70
N ASP A 85 13.19 5.66 -18.76
CA ASP A 85 14.45 6.43 -18.63
C ASP A 85 14.29 7.76 -17.86
N TYR A 86 13.12 8.37 -17.98
CA TYR A 86 12.95 9.70 -17.44
C TYR A 86 12.08 9.71 -16.21
N VAL A 87 11.92 8.54 -15.61
CA VAL A 87 11.32 8.44 -14.30
C VAL A 87 12.40 8.63 -13.22
N ARG A 88 12.15 9.50 -12.25
CA ARG A 88 13.10 9.72 -11.17
C ARG A 88 12.48 9.32 -9.90
N SER A 89 13.26 8.63 -9.08
CA SER A 89 12.81 8.29 -7.74
C SER A 89 13.39 9.31 -6.77
N VAL A 90 12.68 9.57 -5.68
CA VAL A 90 13.18 10.41 -4.61
C VAL A 90 13.03 9.68 -3.30
N ASN A 91 13.82 10.05 -2.29
CA ASN A 91 13.81 9.31 -1.03
C ASN A 91 12.99 10.01 0.04
N ASN A 92 12.55 11.23 -0.24
CA ASN A 92 11.85 11.98 0.79
C ASN A 92 10.36 12.16 0.51
N GLU A 93 9.82 11.34 -0.38
CA GLU A 93 8.39 11.36 -0.64
C GLU A 93 7.89 9.95 -0.92
N PRO A 94 6.69 9.64 -0.45
CA PRO A 94 6.11 8.35 -0.84
C PRO A 94 5.65 8.37 -2.30
N THR A 95 5.72 7.22 -2.96
CA THR A 95 5.05 7.03 -4.23
C THR A 95 3.58 7.39 -4.02
N GLY A 96 2.98 8.06 -5.01
CA GLY A 96 1.59 8.44 -4.86
C GLY A 96 0.76 7.19 -4.77
N HIS A 97 -0.32 7.25 -4.00
CA HIS A 97 -1.20 6.10 -3.87
C HIS A 97 -2.58 6.55 -3.45
N ALA A 98 -3.52 5.63 -3.58
CA ALA A 98 -4.90 5.88 -3.26
C ALA A 98 -5.50 4.68 -2.53
N VAL A 99 -6.16 4.95 -1.41
CA VAL A 99 -6.87 3.89 -0.71
C VAL A 99 -8.31 3.89 -1.22
N VAL A 100 -8.65 2.86 -1.98
CA VAL A 100 -10.01 2.72 -2.51
C VAL A 100 -10.81 1.75 -1.65
N MET A 101 -11.73 2.30 -0.86
CA MET A 101 -12.60 1.51 0.00
C MET A 101 -13.96 1.20 -0.66
N LEU A 102 -14.06 0.00 -1.20
CA LEU A 102 -15.28 -0.51 -1.79
C LEU A 102 -16.24 -1.07 -0.76
N GLN A 103 -17.10 -0.22 -0.19
CA GLN A 103 -18.04 -0.61 0.85
C GLN A 103 -19.09 -1.60 0.33
N SER A 104 -19.57 -2.48 1.21
CA SER A 104 -20.54 -3.51 0.82
C SER A 104 -21.88 -2.91 0.47
N ASP A 105 -22.17 -1.74 1.04
CA ASP A 105 -23.44 -1.04 0.80
C ASP A 105 -23.52 -0.48 -0.63
N GLY A 106 -22.63 -0.93 -1.51
CA GLY A 106 -22.59 -0.45 -2.88
C GLY A 106 -21.75 0.81 -3.00
N GLN A 107 -21.56 1.50 -1.88
CA GLN A 107 -20.83 2.75 -1.88
C GLN A 107 -19.32 2.56 -2.00
N ASN A 108 -18.62 3.63 -2.38
CA ASN A 108 -17.18 3.61 -2.52
C ASN A 108 -16.57 4.92 -1.99
N SER A 109 -15.57 4.80 -1.12
CA SER A 109 -14.88 5.98 -0.58
C SER A 109 -13.36 5.92 -0.84
N ILE A 110 -12.75 7.08 -1.08
CA ILE A 110 -11.37 7.12 -1.57
C ILE A 110 -10.50 8.12 -0.80
N ILE A 111 -9.26 7.73 -0.50
CA ILE A 111 -8.27 8.65 0.07
C ILE A 111 -7.09 8.71 -0.87
N ILE A 112 -6.65 9.93 -1.18
CA ILE A 112 -5.58 10.08 -2.12
C ILE A 112 -4.38 10.73 -1.46
N VAL A 113 -3.22 10.16 -1.70
CA VAL A 113 -1.94 10.72 -1.31
C VAL A 113 -1.18 11.13 -2.56
N GLY A 114 -1.04 12.44 -2.78
CA GLY A 114 -0.33 12.92 -3.96
C GLY A 114 1.09 12.39 -3.95
N GLY A 115 1.74 12.50 -2.79
CA GLY A 115 3.09 11.98 -2.65
C GLY A 115 4.01 12.55 -3.69
N ALA A 116 4.88 11.71 -4.24
CA ALA A 116 5.84 12.15 -5.23
C ALA A 116 5.20 12.82 -6.47
N ASN A 117 3.99 12.40 -6.84
CA ASN A 117 3.33 12.93 -8.04
C ASN A 117 3.16 14.44 -7.94
N MET A 118 2.80 14.89 -6.75
CA MET A 118 2.60 16.29 -6.44
C MET A 118 3.82 16.98 -5.82
N LYS A 119 4.68 16.24 -5.12
CA LYS A 119 5.72 16.91 -4.33
C LYS A 119 7.16 16.66 -4.72
N ALA A 120 7.42 15.80 -5.71
CA ALA A 120 8.82 15.43 -5.99
C ALA A 120 9.37 16.06 -7.27
N TRP A 121 8.57 16.88 -7.94
CA TRP A 121 9.04 17.59 -9.13
C TRP A 121 9.98 18.75 -8.81
N PRO A 122 10.92 19.06 -9.71
CA PRO A 122 11.70 20.26 -9.45
C PRO A 122 10.87 21.54 -9.60
N GLU A 123 11.39 22.62 -9.04
CA GLU A 123 10.87 23.97 -9.27
C GLU A 123 10.91 24.28 -10.76
N ILE A 124 12.07 24.01 -11.35
CA ILE A 124 12.25 24.20 -12.78
C ILE A 124 12.62 22.87 -13.41
N MET A 125 11.89 22.45 -14.44
CA MET A 125 12.19 21.20 -15.13
C MET A 125 13.64 21.14 -15.62
N SER A 126 14.25 19.97 -15.48
CA SER A 126 15.60 19.73 -16.00
C SER A 126 15.64 19.81 -17.51
N ASP A 127 16.83 20.00 -18.07
CA ASP A 127 16.97 20.06 -19.52
C ASP A 127 16.85 18.67 -20.11
N ASP A 128 17.25 17.68 -19.32
CA ASP A 128 17.07 16.27 -19.69
C ASP A 128 15.61 15.99 -19.93
N ASP A 129 14.81 16.31 -18.93
CA ASP A 129 13.40 16.03 -18.98
C ASP A 129 12.79 16.77 -20.15
N LEU A 130 13.21 18.01 -20.38
CA LEU A 130 12.65 18.74 -21.52
C LEU A 130 13.14 18.15 -22.85
N GLU A 131 14.29 17.47 -22.82
CA GLU A 131 14.83 16.90 -24.04
C GLU A 131 13.95 15.79 -24.62
N ILE A 132 13.42 14.92 -23.76
CA ILE A 132 12.55 13.85 -24.27
C ILE A 132 11.24 14.43 -24.84
N VAL A 133 10.67 15.47 -24.22
CA VAL A 133 9.39 15.99 -24.74
C VAL A 133 9.61 16.79 -26.03
N ARG A 134 10.78 17.40 -26.17
CA ARG A 134 11.07 18.15 -27.39
C ARG A 134 11.31 17.20 -28.54
N ASN A 135 11.59 15.93 -28.22
CA ASN A 135 11.85 14.92 -29.24
C ASN A 135 10.64 13.99 -29.41
N ALA A 136 9.52 14.38 -28.81
CA ALA A 136 8.33 13.54 -28.80
C ALA A 136 7.52 13.62 -30.09
N GLY A 137 6.95 12.49 -30.50
CA GLY A 137 5.93 12.51 -31.53
C GLY A 137 4.73 13.30 -31.02
N ILE A 138 4.25 12.90 -29.84
CA ILE A 138 3.12 13.56 -29.20
C ILE A 138 3.29 13.46 -27.68
N VAL A 139 2.75 14.45 -26.97
CA VAL A 139 2.90 14.52 -25.54
C VAL A 139 1.51 14.47 -24.93
N LEU A 140 1.38 13.61 -23.92
CA LEU A 140 0.16 13.43 -23.16
C LEU A 140 0.35 13.91 -21.72
N LEU A 141 -0.56 14.76 -21.26
CA LEU A 141 -0.55 15.29 -19.89
C LEU A 141 -1.87 15.00 -19.19
N GLN A 142 -1.88 15.09 -17.87
CA GLN A 142 -3.15 15.06 -17.14
C GLN A 142 -3.04 16.03 -16.00
N ARG A 143 -3.96 15.96 -15.05
CA ARG A 143 -3.90 16.86 -13.90
C ARG A 143 -3.76 16.15 -12.56
N GLU A 144 -2.82 15.21 -12.50
CA GLU A 144 -2.47 14.56 -11.24
C GLU A 144 -1.01 14.89 -10.85
N ILE A 145 -0.44 15.90 -11.51
CA ILE A 145 0.84 16.48 -11.13
C ILE A 145 0.65 18.00 -11.20
N PRO A 146 1.56 18.81 -10.61
CA PRO A 146 1.34 20.27 -10.52
C PRO A 146 1.21 20.97 -11.88
N ASP A 147 0.35 21.98 -11.93
CA ASP A 147 0.12 22.71 -13.19
C ASP A 147 1.40 23.32 -13.71
N SER A 148 2.27 23.71 -12.78
CA SER A 148 3.54 24.33 -13.13
C SER A 148 4.35 23.43 -14.06
N ILE A 149 4.36 22.13 -13.77
CA ILE A 149 5.10 21.18 -14.59
C ILE A 149 4.42 21.00 -15.93
N ASN A 150 3.08 20.90 -15.89
CA ASN A 150 2.29 20.82 -17.13
C ASN A 150 2.56 22.01 -18.03
N ILE A 151 2.70 23.19 -17.42
CA ILE A 151 2.90 24.40 -18.21
C ILE A 151 4.28 24.41 -18.83
N GLN A 152 5.31 24.11 -18.04
CA GLN A 152 6.69 24.08 -18.54
C GLN A 152 6.86 23.08 -19.72
N VAL A 153 6.29 21.89 -19.58
CA VAL A 153 6.31 20.94 -20.70
C VAL A 153 5.61 21.48 -21.97
N ALA A 154 4.40 22.02 -21.78
CA ALA A 154 3.56 22.49 -22.88
C ALA A 154 4.23 23.63 -23.63
N LYS A 155 4.92 24.48 -22.90
CA LYS A 155 5.65 25.57 -23.52
C LYS A 155 6.85 25.03 -24.32
N ALA A 156 7.59 24.09 -23.75
CA ALA A 156 8.74 23.52 -24.46
C ALA A 156 8.33 22.93 -25.82
N VAL A 157 7.27 22.14 -25.83
CA VAL A 157 6.83 21.47 -27.05
C VAL A 157 6.07 22.39 -28.00
N LYS A 158 5.53 23.50 -27.49
CA LYS A 158 4.82 24.42 -28.36
C LYS A 158 5.86 25.05 -29.26
N LYS A 159 6.96 25.45 -28.65
CA LYS A 159 8.15 25.89 -29.36
C LYS A 159 8.62 24.86 -30.39
N ALA A 160 8.54 23.58 -30.02
CA ALA A 160 9.09 22.52 -30.87
C ALA A 160 8.15 22.11 -32.00
N GLY A 161 6.89 22.54 -31.94
CA GLY A 161 5.90 22.12 -32.92
C GLY A 161 5.36 20.70 -32.68
N VAL A 162 5.46 20.25 -31.44
CA VAL A 162 4.96 18.93 -31.01
C VAL A 162 3.56 19.09 -30.40
N PRO A 163 2.61 18.24 -30.83
CA PRO A 163 1.23 18.29 -30.29
C PRO A 163 1.09 17.76 -28.86
N VAL A 164 0.33 18.49 -28.03
CA VAL A 164 0.15 18.11 -26.64
C VAL A 164 -1.33 17.98 -26.32
N ILE A 165 -1.66 16.85 -25.71
CA ILE A 165 -3.00 16.57 -25.24
C ILE A 165 -3.07 16.69 -23.75
N LEU A 166 -4.01 17.49 -23.26
CA LEU A 166 -4.24 17.59 -21.83
C LEU A 166 -5.55 16.92 -21.46
N ASP A 167 -5.43 15.79 -20.74
CA ASP A 167 -6.57 15.14 -20.11
C ASP A 167 -6.91 15.95 -18.88
N VAL A 168 -8.20 16.14 -18.60
CA VAL A 168 -8.57 17.04 -17.52
C VAL A 168 -8.74 16.28 -16.22
N GLY A 169 -8.80 14.94 -16.31
CA GLY A 169 -8.81 14.13 -15.11
C GLY A 169 -7.75 14.52 -14.08
N GLY A 170 -8.16 14.62 -12.82
CA GLY A 170 -7.24 15.05 -11.78
C GLY A 170 -7.87 16.02 -10.80
N MET A 171 -7.09 17.00 -10.36
CA MET A 171 -7.54 17.92 -9.31
C MET A 171 -8.73 18.75 -9.78
N ASP A 172 -9.67 18.99 -8.87
CA ASP A 172 -10.85 19.79 -9.19
C ASP A 172 -10.59 21.26 -8.89
N THR A 173 -9.72 21.86 -9.69
CA THR A 173 -9.36 23.26 -9.55
C THR A 173 -9.40 23.85 -10.96
N PRO A 174 -9.54 25.18 -11.08
CA PRO A 174 -9.54 25.72 -12.45
C PRO A 174 -8.22 25.47 -13.16
N ILE A 175 -8.27 25.35 -14.47
CA ILE A 175 -7.05 25.23 -15.26
C ILE A 175 -6.48 26.61 -15.54
N PRO A 176 -5.17 26.81 -15.28
CA PRO A 176 -4.48 28.06 -15.61
C PRO A 176 -4.59 28.38 -17.09
N ASN A 177 -4.97 29.62 -17.43
CA ASN A 177 -5.12 30.03 -18.83
C ASN A 177 -3.86 29.75 -19.63
N GLU A 178 -2.71 29.98 -19.00
CA GLU A 178 -1.41 29.78 -19.64
C GLU A 178 -1.17 28.31 -19.98
N LEU A 179 -1.88 27.42 -19.29
CA LEU A 179 -1.87 26.01 -19.66
C LEU A 179 -2.85 25.79 -20.82
N LEU A 180 -4.04 26.35 -20.69
CA LEU A 180 -5.07 26.21 -21.74
C LEU A 180 -4.61 26.77 -23.07
N ASP A 181 -3.70 27.75 -23.04
CA ASP A 181 -3.22 28.38 -24.27
C ASP A 181 -2.04 27.64 -24.88
N SER A 182 -1.42 26.75 -24.11
CA SER A 182 -0.25 26.05 -24.62
C SER A 182 -0.55 24.65 -25.11
N ILE A 183 -1.73 24.13 -24.76
CA ILE A 183 -2.08 22.79 -25.20
C ILE A 183 -2.77 22.83 -26.54
N ASP A 184 -2.64 21.73 -27.28
CA ASP A 184 -3.33 21.56 -28.55
C ASP A 184 -4.78 21.10 -28.33
N ILE A 185 -4.91 19.97 -27.62
CA ILE A 185 -6.18 19.27 -27.46
C ILE A 185 -6.50 19.10 -26.00
N LEU A 186 -7.67 19.59 -25.59
CA LEU A 186 -8.15 19.42 -24.22
C LEU A 186 -9.16 18.27 -24.22
N SER A 187 -9.08 17.40 -23.21
CA SER A 187 -9.85 16.15 -23.25
C SER A 187 -10.57 15.82 -21.95
N PRO A 188 -11.79 16.38 -21.78
CA PRO A 188 -12.61 16.13 -20.60
C PRO A 188 -13.69 15.06 -20.85
N ASN A 189 -14.25 14.51 -19.78
CA ASN A 189 -15.53 13.84 -19.90
C ASN A 189 -16.63 14.88 -19.65
N GLU A 190 -17.89 14.46 -19.72
CA GLU A 190 -19.03 15.35 -19.52
C GLU A 190 -18.97 16.05 -18.17
N THR A 191 -18.64 15.29 -17.12
CA THR A 191 -18.51 15.83 -15.76
C THR A 191 -17.45 16.94 -15.67
N GLU A 192 -16.22 16.60 -16.08
CA GLU A 192 -15.09 17.52 -16.04
C GLU A 192 -15.38 18.80 -16.84
N LEU A 193 -15.74 18.62 -18.10
CA LEU A 193 -16.13 19.74 -18.96
C LEU A 193 -17.20 20.64 -18.32
N SER A 194 -18.17 20.02 -17.66
CA SER A 194 -19.21 20.74 -16.92
C SER A 194 -18.65 21.57 -15.76
N ARG A 195 -17.90 20.93 -14.86
CA ARG A 195 -17.32 21.63 -13.72
C ARG A 195 -16.22 22.58 -14.17
N LEU A 196 -15.76 22.38 -15.39
CA LEU A 196 -14.76 23.25 -16.00
C LEU A 196 -15.36 24.61 -16.40
N THR A 197 -16.53 24.56 -17.01
CA THR A 197 -17.14 25.77 -17.60
C THR A 197 -18.31 26.32 -16.78
N GLY A 198 -18.71 25.57 -15.75
CA GLY A 198 -19.84 25.96 -14.93
C GLY A 198 -21.17 25.82 -15.65
N MET A 199 -21.13 25.34 -16.88
CA MET A 199 -22.32 25.19 -17.70
C MET A 199 -22.79 23.74 -17.68
N PRO A 200 -24.10 23.51 -17.91
CA PRO A 200 -24.61 22.14 -17.86
C PRO A 200 -24.19 21.33 -19.08
N THR A 201 -24.26 20.00 -18.96
CA THR A 201 -23.82 19.05 -19.99
C THR A 201 -24.65 17.76 -19.99
N GLU A 202 -25.97 17.88 -20.19
CA GLU A 202 -26.84 16.71 -20.22
C GLU A 202 -27.33 16.39 -21.63
N THR A 203 -27.12 17.35 -22.54
CA THR A 203 -27.53 17.22 -23.95
C THR A 203 -26.41 17.64 -24.88
N PHE A 204 -26.38 17.07 -26.08
CA PHE A 204 -25.33 17.37 -27.05
C PHE A 204 -25.29 18.86 -27.25
N GLU A 205 -26.48 19.43 -27.37
CA GLU A 205 -26.62 20.87 -27.42
C GLU A 205 -25.83 21.57 -26.34
N GLN A 206 -26.07 21.28 -25.06
CA GLN A 206 -25.52 22.24 -24.10
C GLN A 206 -24.05 21.89 -23.85
N ILE A 207 -23.71 20.65 -24.13
CA ILE A 207 -22.33 20.22 -24.20
C ILE A 207 -21.59 21.04 -25.23
N SER A 208 -22.19 21.18 -26.40
CA SER A 208 -21.54 21.89 -27.50
C SER A 208 -21.30 23.37 -27.14
N GLN A 209 -22.09 23.88 -26.18
CA GLN A 209 -21.95 25.25 -25.70
C GLN A 209 -20.68 25.41 -24.85
N ALA A 210 -20.55 24.54 -23.84
CA ALA A 210 -19.39 24.58 -22.96
C ALA A 210 -18.10 24.46 -23.76
N VAL A 211 -18.17 23.73 -24.87
CA VAL A 211 -17.03 23.57 -25.76
C VAL A 211 -16.71 24.89 -26.47
N ALA A 212 -17.75 25.63 -26.80
CA ALA A 212 -17.56 26.97 -27.36
C ALA A 212 -16.82 27.82 -26.35
N LYS A 213 -17.26 27.76 -25.09
CA LYS A 213 -16.59 28.46 -23.98
C LYS A 213 -15.11 28.04 -23.87
N CYS A 214 -14.84 26.76 -24.12
CA CYS A 214 -13.46 26.25 -24.14
C CYS A 214 -12.68 26.83 -25.30
N HIS A 215 -13.28 26.83 -26.49
CA HIS A 215 -12.65 27.40 -27.67
C HIS A 215 -12.29 28.86 -27.41
N LYS A 216 -13.23 29.55 -26.76
CA LYS A 216 -13.09 30.97 -26.44
C LYS A 216 -11.84 31.22 -25.61
N LEU A 217 -11.53 30.28 -24.72
CA LEU A 217 -10.44 30.47 -23.77
C LEU A 217 -9.10 29.92 -24.28
N GLY A 218 -8.95 29.84 -25.60
CA GLY A 218 -7.66 29.51 -26.20
C GLY A 218 -7.46 28.07 -26.62
N VAL A 219 -8.51 27.27 -26.57
CA VAL A 219 -8.39 25.84 -26.87
C VAL A 219 -8.87 25.52 -28.29
N LYS A 220 -7.92 25.17 -29.14
CA LYS A 220 -8.22 24.91 -30.54
C LYS A 220 -9.05 23.64 -30.76
N GLN A 221 -8.89 22.64 -29.88
CA GLN A 221 -9.58 21.36 -30.05
C GLN A 221 -10.01 20.72 -28.72
N VAL A 222 -11.26 20.26 -28.66
CA VAL A 222 -11.73 19.56 -27.47
C VAL A 222 -12.18 18.14 -27.85
N LEU A 223 -11.50 17.15 -27.27
CA LEU A 223 -11.88 15.75 -27.43
C LEU A 223 -12.73 15.35 -26.24
N VAL A 224 -14.05 15.38 -26.39
CA VAL A 224 -14.94 15.06 -25.26
C VAL A 224 -15.28 13.57 -25.20
N LYS A 225 -15.16 12.99 -24.00
CA LYS A 225 -15.42 11.58 -23.80
C LYS A 225 -16.80 11.44 -23.15
N LEU A 226 -17.66 10.63 -23.76
CA LEU A 226 -19.07 10.64 -23.37
C LEU A 226 -19.56 9.27 -22.89
N GLY A 227 -18.66 8.51 -22.28
CA GLY A 227 -19.00 7.23 -21.69
C GLY A 227 -19.77 6.38 -22.69
N SER A 228 -20.89 5.82 -22.24
CA SER A 228 -21.74 5.00 -23.10
C SER A 228 -22.26 5.71 -24.36
N LYS A 229 -22.25 7.05 -24.37
CA LYS A 229 -22.75 7.76 -25.54
C LYS A 229 -21.64 8.02 -26.55
N GLY A 230 -20.50 7.39 -26.35
CA GLY A 230 -19.38 7.55 -27.27
C GLY A 230 -18.51 8.77 -26.99
N SER A 231 -18.26 9.58 -28.02
CA SER A 231 -17.28 10.66 -27.92
C SER A 231 -17.35 11.61 -29.12
N ALA A 232 -16.83 12.83 -28.96
CA ALA A 232 -16.80 13.81 -30.05
C ALA A 232 -15.54 14.68 -30.06
N LEU A 233 -14.97 14.89 -31.24
CA LEU A 233 -13.84 15.80 -31.41
C LEU A 233 -14.30 17.15 -31.97
N PHE A 234 -14.25 18.19 -31.15
CA PHE A 234 -14.54 19.55 -31.58
C PHE A 234 -13.26 20.27 -32.00
N ILE A 235 -13.20 20.68 -33.24
CA ILE A 235 -12.15 21.56 -33.70
C ILE A 235 -12.77 22.94 -33.88
N GLN A 236 -12.16 23.98 -33.33
CA GLN A 236 -12.67 25.34 -33.55
C GLN A 236 -12.22 25.83 -34.91
N GLY A 237 -12.39 24.97 -35.91
CA GLY A 237 -12.18 25.28 -37.31
C GLY A 237 -13.14 24.37 -38.08
N GLU A 238 -14.14 23.88 -37.35
CA GLU A 238 -15.12 22.94 -37.90
C GLU A 238 -16.31 22.75 -36.95
N LYS A 239 -17.03 21.65 -37.18
CA LYS A 239 -18.18 21.23 -36.38
C LYS A 239 -17.90 19.80 -35.89
N PRO A 240 -18.47 19.40 -34.73
CA PRO A 240 -18.04 18.18 -34.03
C PRO A 240 -17.96 16.90 -34.89
N ILE A 241 -16.77 16.29 -34.96
CA ILE A 241 -16.61 14.97 -35.57
C ILE A 241 -16.98 13.92 -34.55
N GLN A 242 -17.88 13.01 -34.91
CA GLN A 242 -18.41 12.09 -33.91
C GLN A 242 -18.11 10.63 -34.18
N GLN A 243 -18.28 9.84 -33.14
CA GLN A 243 -17.92 8.45 -33.14
C GLN A 243 -18.58 7.84 -31.93
N SER A 244 -19.36 6.79 -32.15
CA SER A 244 -20.05 6.21 -31.01
C SER A 244 -19.25 5.03 -30.47
N ILE A 245 -19.79 4.38 -29.46
CA ILE A 245 -19.16 3.16 -28.94
C ILE A 245 -19.15 1.97 -29.87
N ILE A 246 -18.06 1.23 -29.83
CA ILE A 246 -18.02 -0.12 -30.33
C ILE A 246 -18.46 -1.03 -29.20
N PRO A 247 -19.69 -1.56 -29.30
CA PRO A 247 -20.32 -2.34 -28.23
C PRO A 247 -19.45 -3.48 -27.74
N ALA A 248 -19.46 -3.70 -26.42
CA ALA A 248 -18.68 -4.74 -25.79
C ALA A 248 -19.58 -5.89 -25.37
N ALA A 249 -19.21 -7.11 -25.74
CA ALA A 249 -20.03 -8.30 -25.46
C ALA A 249 -20.36 -8.37 -23.99
N GLN A 250 -19.37 -8.08 -23.15
CA GLN A 250 -19.56 -8.03 -21.70
C GLN A 250 -18.81 -6.83 -21.12
N VAL A 251 -19.50 -6.03 -20.32
CA VAL A 251 -18.86 -4.90 -19.66
C VAL A 251 -18.63 -5.24 -18.17
N VAL A 252 -17.43 -5.71 -17.85
CA VAL A 252 -17.13 -6.03 -16.44
C VAL A 252 -16.62 -4.82 -15.66
N ASP A 253 -15.72 -4.05 -16.26
CA ASP A 253 -14.97 -3.02 -15.53
C ASP A 253 -14.61 -1.83 -16.43
N THR A 254 -15.28 -0.70 -16.22
CA THR A 254 -15.01 0.50 -17.00
C THR A 254 -13.74 1.23 -16.52
N THR A 255 -13.16 0.81 -15.40
CA THR A 255 -11.91 1.42 -14.91
C THR A 255 -10.84 1.37 -16.02
N GLY A 256 -10.18 2.51 -16.25
CA GLY A 256 -9.16 2.58 -17.27
C GLY A 256 -9.65 2.99 -18.66
N ALA A 257 -10.97 3.08 -18.81
CA ALA A 257 -11.59 3.35 -20.11
C ALA A 257 -11.13 4.67 -20.71
N GLY A 258 -11.27 5.74 -19.94
CA GLY A 258 -10.88 7.07 -20.39
C GLY A 258 -9.40 7.19 -20.72
N ASP A 259 -8.55 6.64 -19.86
CA ASP A 259 -7.11 6.64 -20.10
C ASP A 259 -6.77 5.83 -21.35
N THR A 260 -7.39 4.66 -21.50
CA THR A 260 -7.15 3.86 -22.70
C THR A 260 -7.61 4.64 -23.93
N PHE A 261 -8.78 5.26 -23.83
CA PHE A 261 -9.33 5.98 -24.97
C PHE A 261 -8.35 7.05 -25.43
N THR A 262 -7.93 7.89 -24.48
CA THR A 262 -7.03 9.00 -24.76
C THR A 262 -5.67 8.57 -25.32
N ALA A 263 -5.04 7.57 -24.71
CA ALA A 263 -3.74 7.09 -25.21
C ALA A 263 -3.88 6.48 -26.60
N ALA A 264 -4.92 5.66 -26.78
CA ALA A 264 -5.16 5.00 -28.07
C ALA A 264 -5.33 6.07 -29.13
N PHE A 265 -6.18 7.04 -28.79
CA PHE A 265 -6.40 8.17 -29.67
C PHE A 265 -5.08 8.80 -30.04
N ALA A 266 -4.24 9.08 -29.05
CA ALA A 266 -3.00 9.78 -29.33
C ALA A 266 -2.05 8.93 -30.19
N VAL A 267 -2.05 7.62 -29.99
CA VAL A 267 -1.23 6.73 -30.83
C VAL A 267 -1.67 6.77 -32.30
N ALA A 268 -2.99 6.72 -32.54
CA ALA A 268 -3.49 6.76 -33.91
C ALA A 268 -3.08 8.07 -34.55
N MET A 269 -3.19 9.15 -33.78
CA MET A 269 -2.87 10.46 -34.31
C MET A 269 -1.39 10.60 -34.70
N VAL A 270 -0.46 10.14 -33.88
CA VAL A 270 0.95 10.09 -34.33
C VAL A 270 1.26 9.08 -35.39
N GLU A 271 0.42 8.05 -35.53
CA GLU A 271 0.59 7.15 -36.65
C GLU A 271 -0.04 7.77 -37.90
N GLY A 272 -0.41 9.03 -37.78
CA GLY A 272 -0.87 9.83 -38.91
C GLY A 272 -2.24 9.44 -39.44
N LYS A 273 -2.97 8.65 -38.67
CA LYS A 273 -4.34 8.29 -39.04
C LYS A 273 -5.20 9.56 -39.04
N SER A 274 -6.34 9.49 -39.71
CA SER A 274 -7.21 10.66 -39.79
C SER A 274 -8.07 10.74 -38.54
N HIS A 275 -8.74 11.87 -38.36
CA HIS A 275 -9.51 12.11 -37.14
C HIS A 275 -10.56 11.05 -36.88
N GLU A 276 -11.29 10.69 -37.92
CA GLU A 276 -12.29 9.62 -37.86
C GLU A 276 -11.65 8.29 -37.47
N GLU A 277 -10.57 7.89 -38.14
CA GLU A 277 -9.83 6.67 -37.76
C GLU A 277 -9.35 6.76 -36.30
N CYS A 278 -8.76 7.90 -35.95
CA CYS A 278 -8.29 8.13 -34.59
C CYS A 278 -9.40 7.85 -33.59
N LEU A 279 -10.54 8.52 -33.75
CA LEU A 279 -11.67 8.30 -32.85
C LEU A 279 -12.08 6.83 -32.75
N ARG A 280 -12.12 6.13 -33.89
CA ARG A 280 -12.57 4.74 -33.91
C ARG A 280 -11.52 3.79 -33.35
N PHE A 281 -10.26 4.05 -33.66
CA PHE A 281 -9.16 3.31 -33.06
C PHE A 281 -9.25 3.39 -31.55
N ALA A 282 -9.51 4.60 -31.04
CA ALA A 282 -9.62 4.83 -29.60
C ALA A 282 -10.87 4.16 -29.03
N ALA A 283 -11.99 4.31 -29.75
CA ALA A 283 -13.25 3.66 -29.34
C ALA A 283 -13.07 2.15 -29.27
N ALA A 284 -12.36 1.57 -30.22
CA ALA A 284 -12.12 0.13 -30.23
C ALA A 284 -11.26 -0.29 -29.03
N ALA A 285 -10.19 0.46 -28.79
CA ALA A 285 -9.29 0.13 -27.68
C ALA A 285 -10.04 0.19 -26.36
N ALA A 286 -10.84 1.23 -26.17
CA ALA A 286 -11.59 1.39 -24.93
C ALA A 286 -12.61 0.28 -24.78
N SER A 287 -13.23 -0.11 -25.89
CA SER A 287 -14.23 -1.17 -25.89
C SER A 287 -13.65 -2.45 -25.32
N LEU A 288 -12.47 -2.83 -25.83
CA LEU A 288 -11.74 -4.01 -25.36
C LEU A 288 -11.34 -3.88 -23.90
N CYS A 289 -10.97 -2.67 -23.49
CA CYS A 289 -10.61 -2.39 -22.10
C CYS A 289 -11.75 -2.64 -21.09
N VAL A 290 -12.99 -2.29 -21.45
CA VAL A 290 -14.06 -2.43 -20.45
C VAL A 290 -14.56 -3.87 -20.35
N GLN A 291 -13.98 -4.77 -21.15
CA GLN A 291 -14.37 -6.19 -21.11
C GLN A 291 -13.50 -7.02 -20.17
N VAL A 292 -12.55 -6.37 -19.49
CA VAL A 292 -11.65 -7.07 -18.58
C VAL A 292 -11.56 -6.28 -17.27
N LYS A 293 -11.31 -6.94 -16.14
CA LYS A 293 -11.19 -6.23 -14.88
C LYS A 293 -9.79 -5.64 -14.74
N GLY A 294 -9.68 -4.52 -14.03
CA GLY A 294 -8.41 -3.84 -13.87
C GLY A 294 -8.21 -2.77 -14.92
N ALA A 295 -7.31 -1.83 -14.67
CA ALA A 295 -7.04 -0.78 -15.64
C ALA A 295 -5.90 -1.19 -16.57
N ILE A 296 -4.69 -1.27 -16.02
CA ILE A 296 -3.55 -1.70 -16.82
C ILE A 296 -3.65 -3.20 -17.22
N PRO A 297 -4.19 -4.05 -16.34
CA PRO A 297 -4.46 -5.42 -16.82
C PRO A 297 -5.35 -5.51 -18.07
N SER A 298 -6.38 -4.68 -18.14
CA SER A 298 -7.40 -4.78 -19.19
C SER A 298 -7.01 -4.21 -20.56
N MET A 299 -5.83 -3.58 -20.65
CA MET A 299 -5.52 -2.85 -21.87
C MET A 299 -5.10 -3.75 -23.02
N PRO A 300 -5.73 -3.55 -24.18
CA PRO A 300 -5.57 -4.42 -25.34
C PRO A 300 -4.24 -4.21 -26.05
N ASP A 301 -3.64 -5.32 -26.50
CA ASP A 301 -2.53 -5.23 -27.43
C ASP A 301 -3.03 -4.72 -28.77
N ARG A 302 -2.10 -4.24 -29.59
CA ARG A 302 -2.44 -3.70 -30.88
C ARG A 302 -3.16 -4.72 -31.77
N LYS A 303 -2.74 -5.98 -31.70
CA LYS A 303 -3.34 -7.02 -32.54
C LYS A 303 -4.83 -7.13 -32.27
N SER A 304 -5.20 -7.13 -31.00
CA SER A 304 -6.59 -7.22 -30.61
C SER A 304 -7.42 -6.04 -31.09
N VAL A 305 -6.84 -4.84 -31.04
CA VAL A 305 -7.57 -3.67 -31.49
C VAL A 305 -7.73 -3.67 -33.02
N LEU A 306 -6.69 -4.13 -33.73
CA LEU A 306 -6.74 -4.14 -35.18
C LEU A 306 -7.75 -5.19 -35.64
N LYS A 307 -7.78 -6.33 -34.96
CA LYS A 307 -8.76 -7.37 -35.26
C LYS A 307 -10.20 -6.87 -35.10
N LEU A 308 -10.48 -6.16 -34.01
CA LEU A 308 -11.82 -5.64 -33.77
C LEU A 308 -12.23 -4.59 -34.81
N LEU A 309 -11.29 -3.74 -35.19
CA LEU A 309 -11.59 -2.69 -36.17
C LEU A 309 -11.99 -3.28 -37.53
N LYS A 310 -11.72 -4.56 -37.74
CA LYS A 310 -12.03 -5.23 -39.00
C LYS A 310 -13.54 -5.29 -39.23
N PHE A 311 -14.28 -5.52 -38.15
CA PHE A 311 -15.74 -5.62 -38.17
C PHE A 311 -16.41 -4.33 -38.68
N SER A 312 -17.65 -4.45 -39.16
CA SER A 312 -18.36 -3.28 -39.68
C SER A 312 -19.57 -2.91 -38.82
N MET B 1 24.79 -22.39 15.04
CA MET B 1 25.19 -23.07 16.27
C MET B 1 24.08 -22.98 17.32
N ALA B 2 23.84 -21.79 17.88
CA ALA B 2 22.95 -21.64 19.04
C ALA B 2 21.51 -21.88 18.62
N PRO B 3 20.72 -22.52 19.51
CA PRO B 3 19.36 -22.90 19.09
C PRO B 3 18.53 -21.64 18.82
N PRO B 4 18.01 -21.53 17.60
CA PRO B 4 17.52 -20.23 17.10
C PRO B 4 16.26 -19.72 17.78
N LEU B 5 16.12 -18.40 17.86
CA LEU B 5 14.80 -17.82 18.03
C LEU B 5 13.99 -18.13 16.76
N VAL B 6 12.79 -18.66 16.94
CA VAL B 6 11.99 -18.98 15.78
C VAL B 6 10.65 -18.32 15.91
N VAL B 7 10.34 -17.46 14.97
CA VAL B 7 9.10 -16.72 15.03
C VAL B 7 8.17 -17.23 13.95
N VAL B 8 6.98 -17.63 14.35
CA VAL B 8 5.98 -18.01 13.37
C VAL B 8 4.84 -17.02 13.46
N GLY B 9 4.53 -16.33 12.36
CA GLY B 9 3.48 -15.33 12.46
C GLY B 9 3.32 -14.47 11.23
N SER B 10 2.81 -13.26 11.46
CA SER B 10 2.37 -12.37 10.41
C SER B 10 3.48 -11.53 9.81
N ALA B 11 3.24 -11.11 8.58
CA ALA B 11 4.07 -10.11 7.91
C ALA B 11 3.13 -9.22 7.13
N ASN B 12 3.17 -7.92 7.41
CA ASN B 12 2.25 -6.97 6.79
C ASN B 12 2.96 -5.83 6.12
N ALA B 13 2.37 -5.31 5.04
CA ALA B 13 2.70 -3.95 4.64
C ALA B 13 1.80 -3.03 5.46
N ASP B 14 2.41 -2.15 6.24
CA ASP B 14 1.64 -1.16 6.99
C ASP B 14 1.54 0.13 6.19
N ILE B 15 0.32 0.44 5.72
CA ILE B 15 0.05 1.62 4.88
C ILE B 15 -0.53 2.75 5.71
N TYR B 16 0.31 3.72 6.07
CA TYR B 16 -0.14 4.82 6.93
C TYR B 16 -0.50 6.02 6.09
N VAL B 17 -1.69 6.59 6.30
CA VAL B 17 -2.04 7.85 5.64
C VAL B 17 -2.52 8.89 6.66
N GLU B 18 -2.07 10.13 6.50
CA GLU B 18 -2.49 11.21 7.39
C GLU B 18 -3.63 12.01 6.78
N ILE B 19 -4.79 11.95 7.41
CA ILE B 19 -5.98 12.66 6.97
C ILE B 19 -6.55 13.54 8.08
N GLU B 20 -7.32 14.57 7.70
CA GLU B 20 -7.90 15.46 8.69
C GLU B 20 -9.02 14.73 9.42
N ARG B 21 -9.83 14.03 8.63
CA ARG B 21 -10.91 13.23 9.17
C ARG B 21 -11.16 12.03 8.25
N LEU B 22 -11.94 11.06 8.72
CA LEU B 22 -12.39 9.97 7.88
C LEU B 22 -13.31 10.51 6.78
N PRO B 23 -13.30 9.87 5.61
CA PRO B 23 -14.20 10.29 4.54
C PRO B 23 -15.62 9.76 4.74
N LYS B 24 -16.58 10.36 4.03
CA LYS B 24 -17.95 9.88 4.07
C LYS B 24 -18.18 8.98 2.86
N GLU B 25 -19.27 8.22 2.88
CA GLU B 25 -19.59 7.34 1.76
C GLU B 25 -19.69 8.10 0.44
N GLY B 26 -18.85 7.73 -0.51
CA GLY B 26 -18.84 8.41 -1.79
C GLY B 26 -17.76 9.48 -1.87
N GLU B 27 -17.32 9.96 -0.70
CA GLU B 27 -16.39 11.08 -0.65
C GLU B 27 -14.95 10.68 -0.93
N THR B 28 -14.31 11.42 -1.84
CA THR B 28 -12.89 11.28 -2.08
C THR B 28 -12.11 12.43 -1.44
N ILE B 29 -11.39 12.15 -0.36
CA ILE B 29 -10.59 13.17 0.32
C ILE B 29 -9.12 13.08 -0.06
N SER B 30 -8.35 14.07 0.33
CA SER B 30 -6.92 14.07 0.10
C SER B 30 -6.18 13.96 1.42
N ALA B 31 -5.25 13.02 1.51
CA ALA B 31 -4.39 12.89 2.69
C ALA B 31 -3.25 13.90 2.62
N LYS B 32 -2.66 14.22 3.76
CA LYS B 32 -1.54 15.15 3.79
C LYS B 32 -0.31 14.43 3.25
N THR B 33 -0.10 13.22 3.76
CA THR B 33 0.99 12.40 3.29
C THR B 33 0.73 10.96 3.73
N GLY B 34 1.70 10.10 3.44
CA GLY B 34 1.52 8.68 3.68
C GLY B 34 2.87 8.02 3.75
N GLN B 35 2.88 6.80 4.27
CA GLN B 35 4.06 5.95 4.20
C GLN B 35 3.71 4.50 4.43
N THR B 36 4.35 3.64 3.64
CA THR B 36 4.15 2.23 3.71
C THR B 36 5.37 1.62 4.37
N LEU B 37 5.17 0.82 5.40
CA LEU B 37 6.29 0.18 6.09
C LEU B 37 6.12 -1.32 6.24
N ALA B 38 7.23 -2.04 6.21
CA ALA B 38 7.23 -3.44 6.60
C ALA B 38 6.89 -3.55 8.09
N GLY B 39 5.85 -4.31 8.40
CA GLY B 39 5.49 -4.60 9.77
C GLY B 39 4.76 -5.92 9.92
N GLY B 40 3.78 -5.94 10.82
CA GLY B 40 3.20 -7.20 11.24
C GLY B 40 3.96 -7.68 12.47
N LYS B 41 3.23 -8.18 13.45
CA LYS B 41 3.80 -8.53 14.73
C LYS B 41 4.89 -9.59 14.58
N GLY B 42 4.72 -10.55 13.69
CA GLY B 42 5.70 -11.61 13.53
C GLY B 42 7.02 -11.11 12.96
N ALA B 43 6.92 -10.30 11.91
CA ALA B 43 8.10 -9.72 11.25
C ALA B 43 8.83 -8.77 12.20
N ASN B 44 8.05 -7.93 12.90
CA ASN B 44 8.62 -7.05 13.94
C ASN B 44 9.41 -7.84 14.96
N GLN B 45 8.82 -8.93 15.44
CA GLN B 45 9.48 -9.69 16.50
C GLN B 45 10.71 -10.40 15.96
N ALA B 46 10.61 -10.94 14.74
CA ALA B 46 11.77 -11.53 14.08
C ALA B 46 12.90 -10.50 13.90
N ALA B 47 12.54 -9.33 13.38
CA ALA B 47 13.52 -8.28 13.09
C ALA B 47 14.19 -7.84 14.37
N CYS B 48 13.41 -7.74 15.44
CA CYS B 48 13.98 -7.35 16.72
C CYS B 48 14.99 -8.39 17.23
N GLY B 49 14.65 -9.66 17.09
CA GLY B 49 15.56 -10.73 17.51
C GLY B 49 16.85 -10.74 16.67
N ALA B 50 16.70 -10.59 15.35
CA ALA B 50 17.88 -10.49 14.48
C ALA B 50 18.78 -9.30 14.84
N LYS B 51 18.18 -8.14 15.12
CA LYS B 51 18.97 -6.95 15.45
C LYS B 51 19.70 -7.09 16.78
N LEU B 52 19.20 -7.95 17.64
CA LEU B 52 19.87 -8.18 18.91
C LEU B 52 20.92 -9.26 18.75
N MET B 53 21.19 -9.65 17.51
CA MET B 53 22.30 -10.55 17.21
C MET B 53 22.06 -11.97 17.69
N TYR B 54 20.80 -12.33 17.96
CA TYR B 54 20.51 -13.73 18.24
C TYR B 54 19.96 -14.34 16.97
N PRO B 55 20.50 -15.50 16.55
CA PRO B 55 20.08 -16.15 15.30
C PRO B 55 18.58 -16.39 15.30
N THR B 56 17.93 -15.84 14.29
CA THR B 56 16.48 -15.74 14.25
C THR B 56 15.98 -16.22 12.90
N TYR B 57 14.93 -17.05 12.93
CA TYR B 57 14.25 -17.51 11.73
C TYR B 57 12.84 -17.00 11.78
N PHE B 58 12.32 -16.60 10.64
CA PHE B 58 10.96 -16.16 10.60
C PHE B 58 10.22 -17.15 9.73
N VAL B 59 9.10 -17.65 10.26
CA VAL B 59 8.24 -18.54 9.51
C VAL B 59 6.95 -17.82 9.22
N GLY B 60 6.64 -17.66 7.94
CA GLY B 60 5.42 -16.98 7.56
C GLY B 60 5.09 -17.16 6.10
N ARG B 61 3.99 -16.54 5.69
CA ARG B 61 3.42 -16.61 4.35
C ARG B 61 3.27 -15.22 3.72
N LEU B 62 3.90 -15.03 2.56
CA LEU B 62 3.81 -13.83 1.74
C LEU B 62 3.11 -14.14 0.42
N GLY B 63 2.54 -13.11 -0.20
CA GLY B 63 2.14 -13.18 -1.60
C GLY B 63 3.34 -12.86 -2.48
N GLU B 64 3.27 -13.25 -3.75
CA GLU B 64 4.39 -12.96 -4.64
C GLU B 64 4.16 -11.61 -5.31
N ASP B 65 4.08 -10.58 -4.48
CA ASP B 65 3.81 -9.23 -4.92
C ASP B 65 4.88 -8.27 -4.38
N ALA B 66 4.64 -6.98 -4.56
CA ALA B 66 5.60 -5.96 -4.15
C ALA B 66 5.71 -5.87 -2.62
N HIS B 67 4.55 -5.85 -1.97
CA HIS B 67 4.51 -5.83 -0.50
C HIS B 67 5.32 -7.01 0.04
N GLY B 68 5.17 -8.17 -0.60
CA GLY B 68 5.95 -9.35 -0.25
C GLY B 68 7.45 -9.14 -0.28
N LYS B 69 7.93 -8.50 -1.33
CA LYS B 69 9.37 -8.29 -1.51
C LYS B 69 9.88 -7.23 -0.55
N LEU B 70 9.05 -6.23 -0.28
CA LEU B 70 9.32 -5.24 0.78
C LEU B 70 9.65 -5.92 2.11
N ILE B 71 8.81 -6.88 2.51
CA ILE B 71 9.04 -7.60 3.76
C ILE B 71 10.38 -8.33 3.71
N ALA B 72 10.55 -9.16 2.70
CA ALA B 72 11.77 -9.94 2.55
C ALA B 72 12.99 -9.05 2.58
N GLU B 73 12.90 -7.93 1.88
CA GLU B 73 14.02 -6.98 1.82
C GLU B 73 14.36 -6.48 3.21
N ALA B 74 13.35 -6.01 3.94
CA ALA B 74 13.58 -5.50 5.28
C ALA B 74 14.18 -6.55 6.24
N LEU B 75 13.65 -7.76 6.20
CA LEU B 75 14.03 -8.80 7.18
C LEU B 75 15.31 -9.52 6.84
N GLY B 76 15.56 -9.70 5.54
CA GLY B 76 16.57 -10.62 5.07
C GLY B 76 18.04 -10.27 5.18
N ASP B 77 18.84 -10.89 4.30
CA ASP B 77 20.29 -10.83 4.38
C ASP B 77 20.83 -9.42 4.27
N ASP B 78 20.17 -8.60 3.45
CA ASP B 78 20.59 -7.22 3.24
C ASP B 78 19.91 -6.28 4.24
N GLY B 79 19.11 -6.83 5.13
CA GLY B 79 18.35 -6.03 6.07
C GLY B 79 18.64 -6.33 7.53
N CYS B 80 17.63 -6.77 8.27
CA CYS B 80 17.82 -7.03 9.69
C CYS B 80 18.71 -8.24 9.97
N GLY B 81 18.70 -9.23 9.08
CA GLY B 81 19.50 -10.43 9.32
C GLY B 81 18.69 -11.64 9.74
N VAL B 82 17.39 -11.62 9.44
CA VAL B 82 16.53 -12.74 9.76
C VAL B 82 16.73 -13.85 8.73
N HIS B 83 16.89 -15.09 9.17
CA HIS B 83 16.87 -16.21 8.21
C HIS B 83 15.47 -16.41 7.67
N LEU B 84 15.34 -16.46 6.35
CA LEU B 84 14.02 -16.49 5.73
C LEU B 84 13.77 -17.81 5.00
N ASP B 85 14.72 -18.74 5.17
CA ASP B 85 14.63 -20.09 4.60
C ASP B 85 13.23 -20.68 4.63
N TYR B 86 12.47 -20.36 5.67
CA TYR B 86 11.15 -20.98 5.85
C TYR B 86 9.98 -20.08 5.52
N VAL B 87 10.26 -18.92 4.95
CA VAL B 87 9.18 -18.13 4.42
C VAL B 87 8.74 -18.72 3.08
N ARG B 88 7.43 -18.91 2.91
CA ARG B 88 6.89 -19.39 1.65
C ARG B 88 5.96 -18.34 1.06
N SER B 89 6.02 -18.18 -0.26
CA SER B 89 5.12 -17.27 -0.98
C SER B 89 4.12 -18.02 -1.87
N VAL B 90 2.94 -17.43 -2.03
CA VAL B 90 1.87 -18.00 -2.83
C VAL B 90 1.46 -17.00 -3.90
N ASN B 91 0.85 -17.50 -4.98
CA ASN B 91 0.43 -16.68 -6.12
C ASN B 91 -1.03 -16.26 -6.05
N ASN B 92 -1.76 -16.91 -5.18
CA ASN B 92 -3.20 -16.74 -5.12
C ASN B 92 -3.66 -15.87 -3.97
N GLU B 93 -2.70 -15.35 -3.20
CA GLU B 93 -3.03 -14.44 -2.11
C GLU B 93 -2.06 -13.27 -2.05
N PRO B 94 -2.57 -12.06 -1.74
CA PRO B 94 -1.64 -10.94 -1.54
C PRO B 94 -0.98 -11.03 -0.16
N THR B 95 0.20 -10.44 -0.04
CA THR B 95 0.82 -10.21 1.25
C THR B 95 -0.15 -9.43 2.13
N GLY B 96 -0.28 -9.84 3.39
CA GLY B 96 -1.17 -9.12 4.30
C GLY B 96 -0.83 -7.64 4.33
N HIS B 97 -1.83 -6.81 4.54
CA HIS B 97 -1.52 -5.41 4.73
C HIS B 97 -2.57 -4.75 5.58
N ALA B 98 -2.23 -3.58 6.06
CA ALA B 98 -3.07 -2.82 6.95
C ALA B 98 -3.07 -1.35 6.56
N VAL B 99 -4.25 -0.78 6.38
CA VAL B 99 -4.35 0.63 6.12
C VAL B 99 -4.58 1.37 7.43
N VAL B 100 -3.56 2.10 7.88
CA VAL B 100 -3.67 2.90 9.09
C VAL B 100 -3.95 4.37 8.79
N MET B 101 -5.14 4.82 9.17
CA MET B 101 -5.57 6.20 8.99
C MET B 101 -5.39 7.09 10.23
N LEU B 102 -4.28 7.79 10.26
CA LEU B 102 -3.98 8.73 11.36
C LEU B 102 -4.77 10.03 11.19
N GLN B 103 -5.85 10.20 11.97
CA GLN B 103 -6.68 11.40 11.89
C GLN B 103 -6.10 12.61 12.62
N SER B 104 -6.50 13.79 12.20
CA SER B 104 -6.05 15.04 12.81
C SER B 104 -6.56 15.14 14.26
N ASP B 105 -7.64 14.44 14.55
CA ASP B 105 -8.26 14.45 15.88
C ASP B 105 -7.64 13.48 16.88
N GLY B 106 -6.49 12.90 16.54
CA GLY B 106 -5.85 11.92 17.41
C GLY B 106 -6.46 10.52 17.33
N GLN B 107 -7.66 10.44 16.76
CA GLN B 107 -8.32 9.15 16.52
C GLN B 107 -7.64 8.38 15.37
N ASN B 108 -7.53 7.07 15.53
CA ASN B 108 -6.96 6.20 14.50
C ASN B 108 -7.98 5.22 14.02
N SER B 109 -7.93 4.88 12.74
CA SER B 109 -8.79 3.83 12.21
C SER B 109 -7.97 2.87 11.35
N ILE B 110 -8.25 1.58 11.47
CA ILE B 110 -7.43 0.58 10.81
C ILE B 110 -8.28 -0.37 9.98
N ILE B 111 -7.77 -0.71 8.80
CA ILE B 111 -8.37 -1.75 7.96
C ILE B 111 -7.34 -2.81 7.67
N ILE B 112 -7.65 -4.07 8.01
CA ILE B 112 -6.67 -5.13 7.91
C ILE B 112 -7.02 -6.15 6.84
N VAL B 113 -6.11 -6.35 5.91
CA VAL B 113 -6.29 -7.38 4.91
C VAL B 113 -5.39 -8.52 5.32
N GLY B 114 -6.02 -9.58 5.83
CA GLY B 114 -5.28 -10.71 6.38
C GLY B 114 -4.39 -11.38 5.36
N GLY B 115 -4.93 -11.55 4.16
CA GLY B 115 -4.16 -12.07 3.05
C GLY B 115 -3.46 -13.40 3.29
N ALA B 116 -2.20 -13.48 2.88
CA ALA B 116 -1.43 -14.70 3.03
C ALA B 116 -1.26 -15.07 4.50
N ASN B 117 -1.26 -14.07 5.39
CA ASN B 117 -1.12 -14.35 6.83
C ASN B 117 -2.21 -15.30 7.31
N MET B 118 -3.41 -15.14 6.76
CA MET B 118 -4.54 -15.91 7.21
C MET B 118 -4.97 -16.99 6.22
N LYS B 119 -4.57 -16.88 4.95
CA LYS B 119 -5.12 -17.78 3.95
C LYS B 119 -4.10 -18.60 3.15
N ALA B 120 -2.82 -18.49 3.47
CA ALA B 120 -1.81 -19.18 2.66
C ALA B 120 -1.14 -20.30 3.42
N TRP B 121 -1.72 -20.68 4.55
CA TRP B 121 -1.13 -21.77 5.33
C TRP B 121 -1.81 -23.09 4.94
N PRO B 122 -1.05 -24.19 5.00
CA PRO B 122 -1.66 -25.51 4.77
C PRO B 122 -2.66 -25.85 5.87
N GLU B 123 -3.64 -26.70 5.60
CA GLU B 123 -4.57 -27.14 6.64
C GLU B 123 -3.77 -27.90 7.69
N ILE B 124 -2.76 -28.62 7.23
CA ILE B 124 -1.88 -29.35 8.13
C ILE B 124 -0.44 -29.00 7.80
N MET B 125 0.32 -28.65 8.83
CA MET B 125 1.71 -28.29 8.62
C MET B 125 2.52 -29.47 8.14
N SER B 126 3.50 -29.19 7.29
CA SER B 126 4.44 -30.19 6.80
C SER B 126 5.54 -30.41 7.81
N ASP B 127 6.17 -31.58 7.77
CA ASP B 127 7.34 -31.85 8.60
C ASP B 127 8.49 -30.96 8.15
N ASP B 128 8.47 -30.61 6.87
CA ASP B 128 9.40 -29.64 6.33
C ASP B 128 9.25 -28.34 7.10
N ASP B 129 8.01 -27.86 7.21
CA ASP B 129 7.74 -26.63 7.91
C ASP B 129 8.05 -26.73 9.41
N LEU B 130 7.69 -27.85 10.04
CA LEU B 130 7.82 -27.99 11.50
C LEU B 130 9.22 -28.37 11.94
N GLU B 131 10.11 -28.70 11.00
CA GLU B 131 11.49 -29.05 11.35
C GLU B 131 12.15 -27.88 12.08
N ILE B 132 11.89 -26.66 11.62
CA ILE B 132 12.54 -25.49 12.22
C ILE B 132 12.04 -25.23 13.66
N VAL B 133 10.74 -25.36 13.90
CA VAL B 133 10.28 -25.12 15.25
C VAL B 133 10.76 -26.24 16.19
N ARG B 134 10.95 -27.45 15.65
CA ARG B 134 11.46 -28.56 16.44
C ARG B 134 12.90 -28.36 16.83
N ASN B 135 13.58 -27.44 16.14
CA ASN B 135 14.98 -27.18 16.49
C ASN B 135 15.20 -25.81 17.12
N ALA B 136 14.10 -25.16 17.46
CA ALA B 136 14.19 -23.83 18.05
C ALA B 136 14.81 -23.92 19.43
N GLY B 137 15.41 -22.82 19.88
CA GLY B 137 15.76 -22.68 21.28
C GLY B 137 14.62 -21.95 21.98
N ILE B 138 13.74 -21.31 21.19
CA ILE B 138 12.57 -20.66 21.75
C ILE B 138 11.65 -20.29 20.59
N VAL B 139 10.34 -20.32 20.81
CA VAL B 139 9.40 -20.02 19.72
C VAL B 139 8.46 -18.89 20.11
N LEU B 140 8.23 -17.92 19.22
CA LEU B 140 7.26 -16.85 19.47
C LEU B 140 6.12 -16.86 18.49
N LEU B 141 4.92 -16.66 19.01
CA LEU B 141 3.70 -16.72 18.23
C LEU B 141 2.94 -15.48 18.56
N GLN B 142 2.04 -15.08 17.68
CA GLN B 142 1.11 -13.99 17.96
C GLN B 142 -0.23 -14.44 17.39
N ARG B 143 -1.20 -13.54 17.36
CA ARG B 143 -2.51 -13.93 16.87
C ARG B 143 -2.92 -13.15 15.64
N GLU B 144 -2.06 -13.19 14.62
CA GLU B 144 -2.35 -12.61 13.31
C GLU B 144 -2.19 -13.67 12.20
N ILE B 145 -2.17 -14.94 12.60
CA ILE B 145 -2.25 -16.08 11.69
C ILE B 145 -3.30 -17.04 12.26
N PRO B 146 -3.75 -18.08 11.52
CA PRO B 146 -4.85 -18.91 12.06
C PRO B 146 -4.54 -19.58 13.38
N ASP B 147 -5.52 -19.58 14.29
CA ASP B 147 -5.41 -20.36 15.54
C ASP B 147 -4.88 -21.77 15.26
N SER B 148 -5.40 -22.40 14.21
CA SER B 148 -5.05 -23.79 13.92
C SER B 148 -3.55 -23.98 13.64
N ILE B 149 -2.95 -23.02 12.97
CA ILE B 149 -1.51 -23.03 12.73
C ILE B 149 -0.74 -22.78 14.04
N ASN B 150 -1.20 -21.83 14.83
CA ASN B 150 -0.58 -21.60 16.16
C ASN B 150 -0.63 -22.88 16.99
N ILE B 151 -1.73 -23.61 16.91
CA ILE B 151 -1.88 -24.83 17.68
C ILE B 151 -0.93 -25.91 17.24
N GLN B 152 -0.86 -26.17 15.94
CA GLN B 152 0.06 -27.21 15.46
C GLN B 152 1.50 -26.91 15.84
N VAL B 153 1.87 -25.64 15.80
CA VAL B 153 3.25 -25.27 16.07
C VAL B 153 3.54 -25.46 17.54
N ALA B 154 2.63 -25.02 18.38
CA ALA B 154 2.89 -25.07 19.81
C ALA B 154 2.98 -26.54 20.27
N LYS B 155 2.10 -27.40 19.76
CA LYS B 155 2.16 -28.85 20.06
C LYS B 155 3.49 -29.48 19.63
N ALA B 156 4.01 -29.10 18.48
CA ALA B 156 5.24 -29.72 17.97
C ALA B 156 6.42 -29.37 18.85
N VAL B 157 6.28 -28.28 19.61
CA VAL B 157 7.38 -27.82 20.45
C VAL B 157 7.24 -28.36 21.86
N LYS B 158 6.00 -28.54 22.32
CA LYS B 158 5.75 -29.25 23.58
C LYS B 158 6.36 -30.66 23.54
N LYS B 159 6.26 -31.33 22.39
CA LYS B 159 6.87 -32.65 22.22
C LYS B 159 8.39 -32.52 22.13
N ALA B 160 8.88 -31.32 21.86
CA ALA B 160 10.30 -31.07 21.67
C ALA B 160 10.93 -30.49 22.94
N GLY B 161 10.09 -30.11 23.90
CA GLY B 161 10.56 -29.55 25.17
C GLY B 161 11.22 -28.18 25.11
N VAL B 162 10.73 -27.27 24.25
CA VAL B 162 11.29 -25.91 24.11
C VAL B 162 10.23 -24.82 24.37
N PRO B 163 10.62 -23.74 25.06
CA PRO B 163 9.66 -22.72 25.50
C PRO B 163 8.95 -21.98 24.35
N VAL B 164 7.64 -21.81 24.49
CA VAL B 164 6.80 -21.16 23.48
C VAL B 164 6.14 -19.94 24.10
N ILE B 165 6.32 -18.78 23.45
CA ILE B 165 5.70 -17.55 23.93
C ILE B 165 4.58 -17.12 23.02
N LEU B 166 3.42 -16.85 23.60
CA LEU B 166 2.34 -16.37 22.80
C LEU B 166 1.99 -14.93 23.19
N ASP B 167 2.24 -14.04 22.25
CA ASP B 167 1.80 -12.66 22.31
C ASP B 167 0.31 -12.58 21.94
N VAL B 168 -0.50 -11.98 22.80
CA VAL B 168 -1.96 -11.97 22.60
C VAL B 168 -2.32 -10.95 21.52
N GLY B 169 -1.37 -10.10 21.16
CA GLY B 169 -1.57 -9.09 20.14
C GLY B 169 -2.11 -9.64 18.83
N GLY B 170 -3.06 -8.93 18.25
CA GLY B 170 -3.68 -9.32 16.99
C GLY B 170 -5.19 -9.39 17.12
N MET B 171 -5.76 -10.50 16.65
CA MET B 171 -7.21 -10.75 16.71
C MET B 171 -7.75 -10.41 18.10
N ASP B 172 -8.92 -9.79 18.15
CA ASP B 172 -9.55 -9.48 19.43
C ASP B 172 -10.58 -10.55 19.78
N THR B 173 -10.31 -11.78 19.35
CA THR B 173 -11.17 -12.94 19.61
C THR B 173 -10.68 -13.74 20.81
N PRO B 174 -11.55 -14.60 21.37
CA PRO B 174 -11.15 -15.54 22.43
C PRO B 174 -10.05 -16.49 21.98
N ILE B 175 -9.20 -16.92 22.91
CA ILE B 175 -8.09 -17.80 22.57
C ILE B 175 -8.47 -19.28 22.78
N PRO B 176 -8.23 -20.12 21.78
CA PRO B 176 -8.51 -21.56 21.92
C PRO B 176 -7.77 -22.15 23.10
N ASN B 177 -8.52 -22.73 24.04
CA ASN B 177 -7.92 -23.33 25.25
C ASN B 177 -6.87 -24.36 24.89
N GLU B 178 -7.08 -25.03 23.76
CA GLU B 178 -6.04 -25.90 23.24
C GLU B 178 -4.72 -25.13 23.01
N LEU B 179 -4.82 -23.89 22.54
CA LEU B 179 -3.62 -23.09 22.34
C LEU B 179 -3.03 -22.76 23.71
N LEU B 180 -3.84 -22.16 24.59
CA LEU B 180 -3.44 -21.87 25.98
C LEU B 180 -2.77 -23.04 26.69
N ASP B 181 -3.27 -24.24 26.42
CA ASP B 181 -2.73 -25.43 27.07
C ASP B 181 -1.32 -25.77 26.60
N SER B 182 -0.91 -25.28 25.44
CA SER B 182 0.34 -25.77 24.83
C SER B 182 1.46 -24.74 24.82
N ILE B 183 1.23 -23.58 25.41
CA ILE B 183 2.25 -22.54 25.43
C ILE B 183 2.80 -22.43 26.83
N ASP B 184 4.01 -21.89 26.94
CA ASP B 184 4.69 -21.76 28.22
C ASP B 184 4.52 -20.38 28.83
N ILE B 185 4.57 -19.34 27.99
CA ILE B 185 4.37 -17.98 28.48
C ILE B 185 3.37 -17.24 27.64
N LEU B 186 2.33 -16.72 28.28
CA LEU B 186 1.41 -15.83 27.61
C LEU B 186 1.82 -14.38 27.85
N SER B 187 1.72 -13.53 26.82
CA SER B 187 2.12 -12.14 26.97
C SER B 187 1.05 -11.17 26.45
N PRO B 188 0.13 -10.77 27.34
CA PRO B 188 -0.88 -9.75 27.02
C PRO B 188 -0.50 -8.36 27.55
N ASN B 189 -1.09 -7.36 26.92
CA ASN B 189 -1.06 -6.01 27.50
C ASN B 189 -2.27 -5.94 28.44
N GLU B 190 -2.44 -4.84 29.14
CA GLU B 190 -3.51 -4.79 30.13
C GLU B 190 -4.90 -4.82 29.47
N THR B 191 -5.02 -4.25 28.28
CA THR B 191 -6.29 -4.25 27.56
C THR B 191 -6.62 -5.65 27.05
N GLU B 192 -5.61 -6.34 26.53
CA GLU B 192 -5.74 -7.72 26.09
C GLU B 192 -6.01 -8.63 27.27
N LEU B 193 -5.37 -8.35 28.40
CA LEU B 193 -5.53 -9.18 29.58
C LEU B 193 -6.98 -9.15 30.01
N SER B 194 -7.57 -7.97 29.96
CA SER B 194 -8.96 -7.79 30.37
C SER B 194 -9.90 -8.56 29.43
N ARG B 195 -9.92 -8.18 28.15
CA ARG B 195 -10.72 -8.88 27.14
C ARG B 195 -10.57 -10.40 27.20
N LEU B 196 -9.35 -10.89 27.42
CA LEU B 196 -9.09 -12.33 27.41
C LEU B 196 -9.78 -13.01 28.59
N THR B 197 -9.40 -12.64 29.82
CA THR B 197 -10.01 -13.24 31.02
C THR B 197 -11.41 -12.72 31.31
N GLY B 198 -11.74 -11.58 30.73
CA GLY B 198 -13.04 -10.96 30.96
C GLY B 198 -13.05 -10.08 32.19
N MET B 199 -11.89 -9.96 32.84
CA MET B 199 -11.80 -9.30 34.13
C MET B 199 -11.29 -7.87 33.98
N PRO B 200 -11.57 -7.01 34.96
CA PRO B 200 -11.03 -5.65 34.88
C PRO B 200 -9.54 -5.59 35.24
N THR B 201 -8.86 -4.54 34.76
CA THR B 201 -7.42 -4.43 34.93
C THR B 201 -7.01 -2.98 35.21
N GLU B 202 -7.88 -2.25 35.89
CA GLU B 202 -7.59 -0.86 36.23
C GLU B 202 -6.54 -0.76 37.33
N THR B 203 -6.42 -1.80 38.16
CA THR B 203 -5.47 -1.79 39.28
C THR B 203 -4.62 -3.05 39.33
N PHE B 204 -3.53 -3.02 40.09
CA PHE B 204 -2.63 -4.16 40.12
C PHE B 204 -3.27 -5.36 40.80
N GLU B 205 -4.09 -5.09 41.82
CA GLU B 205 -4.78 -6.17 42.51
C GLU B 205 -5.65 -6.88 41.50
N GLN B 206 -6.41 -6.06 40.75
CA GLN B 206 -7.26 -6.51 39.65
C GLN B 206 -6.48 -7.32 38.60
N ILE B 207 -5.31 -6.79 38.24
CA ILE B 207 -4.43 -7.45 37.28
C ILE B 207 -3.94 -8.79 37.81
N SER B 208 -3.57 -8.81 39.10
CA SER B 208 -3.07 -10.03 39.70
C SER B 208 -4.15 -11.12 39.70
N GLN B 209 -5.39 -10.67 39.78
CA GLN B 209 -6.53 -11.57 39.75
C GLN B 209 -6.84 -12.04 38.34
N ALA B 210 -6.79 -11.13 37.38
CA ALA B 210 -7.00 -11.53 35.99
C ALA B 210 -5.93 -12.54 35.58
N VAL B 211 -4.77 -12.49 36.24
CA VAL B 211 -3.66 -13.40 35.97
C VAL B 211 -3.88 -14.73 36.67
N ALA B 212 -4.56 -14.67 37.82
CA ALA B 212 -4.97 -15.89 38.49
C ALA B 212 -5.88 -16.64 37.54
N LYS B 213 -6.77 -15.91 36.86
CA LYS B 213 -7.64 -16.52 35.86
C LYS B 213 -6.90 -17.08 34.63
N CYS B 214 -5.79 -16.45 34.22
CA CYS B 214 -4.96 -17.05 33.17
C CYS B 214 -4.37 -18.35 33.71
N HIS B 215 -3.93 -18.32 34.95
CA HIS B 215 -3.41 -19.50 35.63
C HIS B 215 -4.43 -20.66 35.64
N LYS B 216 -5.72 -20.34 35.75
CA LYS B 216 -6.76 -21.38 35.76
C LYS B 216 -7.05 -21.86 34.33
N LEU B 217 -6.49 -21.17 33.35
CA LEU B 217 -6.69 -21.57 31.96
C LEU B 217 -5.54 -22.43 31.39
N GLY B 218 -4.57 -22.82 32.23
CA GLY B 218 -3.48 -23.69 31.77
C GLY B 218 -2.10 -23.09 31.47
N VAL B 219 -1.95 -21.77 31.65
CA VAL B 219 -0.67 -21.07 31.44
C VAL B 219 0.09 -20.82 32.74
N LYS B 220 1.30 -21.35 32.86
CA LYS B 220 2.05 -21.22 34.11
C LYS B 220 2.69 -19.84 34.26
N GLN B 221 2.96 -19.17 33.15
CA GLN B 221 3.67 -17.89 33.23
C GLN B 221 3.02 -16.83 32.35
N VAL B 222 2.78 -15.67 32.95
CA VAL B 222 2.16 -14.58 32.26
C VAL B 222 3.03 -13.33 32.38
N LEU B 223 3.32 -12.74 31.24
CA LEU B 223 4.21 -11.60 31.16
C LEU B 223 3.38 -10.42 30.74
N VAL B 224 3.00 -9.60 31.71
CA VAL B 224 2.02 -8.56 31.44
C VAL B 224 2.73 -7.24 31.09
N LYS B 225 2.32 -6.65 29.97
CA LYS B 225 2.84 -5.37 29.49
C LYS B 225 1.90 -4.27 29.92
N LEU B 226 2.40 -3.31 30.68
CA LEU B 226 1.51 -2.32 31.31
C LEU B 226 1.83 -0.92 30.81
N GLY B 227 2.34 -0.84 29.59
CA GLY B 227 2.65 0.43 28.97
C GLY B 227 3.62 1.29 29.75
N SER B 228 3.19 2.52 30.01
CA SER B 228 4.02 3.48 30.69
C SER B 228 4.11 3.18 32.19
N LYS B 229 3.41 2.14 32.64
CA LYS B 229 3.51 1.71 34.03
C LYS B 229 4.55 0.60 34.17
N GLY B 230 5.03 0.08 33.04
CA GLY B 230 6.03 -0.95 33.11
C GLY B 230 5.51 -2.31 32.73
N SER B 231 5.96 -3.33 33.45
CA SER B 231 5.59 -4.70 33.15
C SER B 231 5.75 -5.59 34.37
N ALA B 232 5.24 -6.82 34.29
CA ALA B 232 5.39 -7.78 35.36
C ALA B 232 5.39 -9.23 34.87
N LEU B 233 6.29 -10.03 35.41
CA LEU B 233 6.30 -11.47 35.12
C LEU B 233 5.63 -12.24 36.26
N PHE B 234 4.49 -12.86 35.97
CA PHE B 234 3.82 -13.70 36.94
C PHE B 234 4.16 -15.13 36.66
N ILE B 235 4.71 -15.79 37.66
CA ILE B 235 4.98 -17.20 37.55
C ILE B 235 4.18 -17.88 38.64
N GLN B 236 3.32 -18.81 38.24
CA GLN B 236 2.41 -19.49 39.16
C GLN B 236 3.11 -19.98 40.42
N GLY B 237 2.56 -19.60 41.57
CA GLY B 237 3.13 -20.04 42.82
C GLY B 237 4.39 -19.30 43.24
N GLU B 238 4.72 -18.21 42.56
CA GLU B 238 5.85 -17.41 43.00
C GLU B 238 5.51 -15.94 43.05
N LYS B 239 6.43 -15.16 43.60
CA LYS B 239 6.21 -13.74 43.77
C LYS B 239 6.36 -13.06 42.42
N PRO B 240 5.35 -12.27 42.02
CA PRO B 240 5.42 -11.50 40.76
C PRO B 240 6.69 -10.68 40.66
N ILE B 241 7.29 -10.62 39.47
CA ILE B 241 8.44 -9.76 39.30
C ILE B 241 8.00 -8.51 38.57
N GLN B 242 8.28 -7.36 39.16
CA GLN B 242 7.81 -6.10 38.61
C GLN B 242 8.97 -5.30 38.07
N GLN B 243 8.70 -4.60 36.98
CA GLN B 243 9.73 -3.83 36.27
C GLN B 243 9.06 -2.56 35.78
N SER B 244 9.57 -1.42 36.18
CA SER B 244 8.96 -0.18 35.70
C SER B 244 9.50 0.13 34.31
N ILE B 245 8.99 1.20 33.70
CA ILE B 245 9.57 1.65 32.44
C ILE B 245 10.97 2.15 32.67
N ILE B 246 11.81 1.97 31.66
CA ILE B 246 13.08 2.68 31.53
C ILE B 246 12.75 3.95 30.78
N PRO B 247 12.75 5.08 31.48
CA PRO B 247 12.25 6.31 30.85
C PRO B 247 13.01 6.64 29.57
N ALA B 248 12.24 7.04 28.58
CA ALA B 248 12.78 7.46 27.31
C ALA B 248 12.95 8.97 27.35
N ALA B 249 14.06 9.47 26.81
CA ALA B 249 14.27 10.93 26.71
C ALA B 249 13.15 11.60 25.89
N GLN B 250 12.67 10.87 24.87
CA GLN B 250 11.64 11.37 23.97
C GLN B 250 10.72 10.25 23.53
N VAL B 251 9.45 10.33 23.87
CA VAL B 251 8.51 9.36 23.33
C VAL B 251 8.07 9.87 21.99
N VAL B 252 8.73 9.39 20.94
CA VAL B 252 8.40 9.78 19.58
C VAL B 252 7.27 8.92 18.99
N ASP B 253 7.40 7.60 19.10
CA ASP B 253 6.48 6.68 18.44
C ASP B 253 6.51 5.30 19.06
N THR B 254 5.44 4.95 19.77
CA THR B 254 5.40 3.70 20.51
C THR B 254 5.09 2.51 19.65
N THR B 255 4.89 2.72 18.36
CA THR B 255 4.67 1.61 17.44
C THR B 255 5.80 0.58 17.49
N GLY B 256 5.46 -0.69 17.70
CA GLY B 256 6.46 -1.74 17.77
C GLY B 256 7.05 -1.96 19.17
N ALA B 257 6.67 -1.12 20.12
CA ALA B 257 7.18 -1.21 21.49
C ALA B 257 6.87 -2.55 22.15
N GLY B 258 5.61 -2.97 22.09
CA GLY B 258 5.20 -4.25 22.64
C GLY B 258 5.92 -5.43 21.99
N ASP B 259 6.10 -5.38 20.67
CA ASP B 259 6.84 -6.42 19.94
C ASP B 259 8.32 -6.49 20.30
N THR B 260 8.96 -5.32 20.37
CA THR B 260 10.33 -5.22 20.83
C THR B 260 10.46 -5.82 22.21
N PHE B 261 9.56 -5.40 23.12
CA PHE B 261 9.60 -5.89 24.51
C PHE B 261 9.56 -7.42 24.56
N THR B 262 8.64 -8.02 23.83
CA THR B 262 8.41 -9.47 23.88
C THR B 262 9.57 -10.21 23.26
N ALA B 263 10.04 -9.75 22.10
CA ALA B 263 11.14 -10.42 21.43
C ALA B 263 12.44 -10.28 22.22
N ALA B 264 12.68 -9.07 22.75
CA ALA B 264 13.83 -8.82 23.61
C ALA B 264 13.78 -9.68 24.87
N PHE B 265 12.60 -9.82 25.43
CA PHE B 265 12.42 -10.72 26.57
C PHE B 265 12.81 -12.13 26.20
N ALA B 266 12.34 -12.58 25.04
CA ALA B 266 12.64 -13.91 24.53
C ALA B 266 14.13 -14.14 24.37
N VAL B 267 14.82 -13.17 23.77
CA VAL B 267 16.25 -13.30 23.52
C VAL B 267 17.01 -13.44 24.83
N ALA B 268 16.62 -12.63 25.82
CA ALA B 268 17.28 -12.69 27.11
C ALA B 268 17.01 -14.02 27.79
N MET B 269 15.82 -14.56 27.56
CA MET B 269 15.43 -15.81 28.19
C MET B 269 16.19 -16.99 27.60
N VAL B 270 16.17 -17.11 26.29
CA VAL B 270 16.85 -18.23 25.64
C VAL B 270 18.36 -18.17 25.83
N GLU B 271 18.90 -16.99 26.11
CA GLU B 271 20.32 -16.87 26.40
C GLU B 271 20.63 -17.21 27.87
N GLY B 272 19.59 -17.39 28.67
CA GLY B 272 19.77 -17.95 30.00
C GLY B 272 19.80 -16.92 31.11
N LYS B 273 19.42 -15.68 30.81
CA LYS B 273 19.40 -14.67 31.86
C LYS B 273 18.28 -14.92 32.88
N SER B 274 18.47 -14.39 34.08
CA SER B 274 17.44 -14.44 35.12
C SER B 274 16.21 -13.66 34.70
N HIS B 275 15.09 -14.01 35.33
CA HIS B 275 13.81 -13.39 35.01
C HIS B 275 13.91 -11.86 35.14
N GLU B 276 14.55 -11.41 36.21
CA GLU B 276 14.70 -9.99 36.46
C GLU B 276 15.56 -9.34 35.39
N GLU B 277 16.54 -10.08 34.89
CA GLU B 277 17.41 -9.57 33.85
C GLU B 277 16.64 -9.51 32.54
N CYS B 278 15.86 -10.54 32.27
CA CYS B 278 14.98 -10.58 31.12
C CYS B 278 14.05 -9.38 31.11
N LEU B 279 13.26 -9.21 32.17
CA LEU B 279 12.36 -8.06 32.24
C LEU B 279 13.09 -6.73 32.04
N ARG B 280 14.27 -6.59 32.64
CA ARG B 280 14.98 -5.31 32.55
C ARG B 280 15.51 -5.04 31.15
N PHE B 281 16.02 -6.09 30.50
CA PHE B 281 16.56 -6.01 29.18
C PHE B 281 15.41 -5.74 28.21
N ALA B 282 14.25 -6.35 28.44
CA ALA B 282 13.07 -6.07 27.60
C ALA B 282 12.61 -4.64 27.80
N ALA B 283 12.61 -4.14 29.04
CA ALA B 283 12.20 -2.76 29.30
C ALA B 283 13.14 -1.74 28.61
N ALA B 284 14.43 -2.03 28.62
CA ALA B 284 15.44 -1.17 28.03
C ALA B 284 15.27 -1.15 26.51
N ALA B 285 15.10 -2.32 25.89
CA ALA B 285 14.92 -2.36 24.45
C ALA B 285 13.66 -1.62 24.02
N ALA B 286 12.57 -1.81 24.75
CA ALA B 286 11.34 -1.12 24.40
C ALA B 286 11.50 0.40 24.60
N SER B 287 12.25 0.79 25.62
CA SER B 287 12.53 2.21 25.86
C SER B 287 13.18 2.85 24.62
N LEU B 288 14.13 2.16 24.00
CA LEU B 288 14.83 2.71 22.84
C LEU B 288 13.95 2.78 21.59
N CYS B 289 13.20 1.72 21.34
CA CYS B 289 12.15 1.69 20.31
C CYS B 289 11.26 2.95 20.25
N VAL B 290 10.75 3.41 21.40
CA VAL B 290 9.76 4.49 21.37
C VAL B 290 10.39 5.86 21.03
N GLN B 291 11.70 5.90 20.79
CA GLN B 291 12.38 7.17 20.57
C GLN B 291 12.71 7.38 19.10
N VAL B 292 12.23 6.48 18.24
CA VAL B 292 12.45 6.56 16.80
C VAL B 292 11.16 6.19 16.12
N LYS B 293 10.86 6.82 14.98
CA LYS B 293 9.60 6.57 14.28
C LYS B 293 9.68 5.27 13.50
N GLY B 294 8.56 4.54 13.46
CA GLY B 294 8.53 3.25 12.80
C GLY B 294 8.71 2.13 13.84
N ALA B 295 8.36 0.91 13.46
CA ALA B 295 8.59 -0.23 14.33
C ALA B 295 9.96 -0.82 14.04
N ILE B 296 10.08 -1.52 12.93
CA ILE B 296 11.34 -2.15 12.57
C ILE B 296 12.51 -1.15 12.49
N PRO B 297 12.28 0.06 11.95
CA PRO B 297 13.40 1.01 11.97
C PRO B 297 13.87 1.44 13.37
N SER B 298 12.99 1.46 14.37
CA SER B 298 13.41 1.91 15.69
C SER B 298 14.10 0.82 16.54
N MET B 299 14.25 -0.40 16.01
CA MET B 299 14.70 -1.50 16.87
C MET B 299 16.19 -1.43 17.20
N PRO B 300 16.49 -1.44 18.49
CA PRO B 300 17.84 -1.15 18.98
C PRO B 300 18.79 -2.32 18.73
N ASP B 301 20.08 -2.06 18.62
CA ASP B 301 21.03 -3.18 18.58
C ASP B 301 21.37 -3.53 20.03
N ARG B 302 22.01 -4.68 20.21
CA ARG B 302 22.24 -5.19 21.54
C ARG B 302 23.07 -4.25 22.39
N LYS B 303 24.15 -3.72 21.80
CA LYS B 303 25.12 -2.94 22.58
C LYS B 303 24.46 -1.68 23.16
N SER B 304 23.47 -1.13 22.45
CA SER B 304 22.73 0.03 22.97
C SER B 304 21.81 -0.35 24.13
N VAL B 305 21.09 -1.47 24.01
CA VAL B 305 20.20 -1.90 25.10
C VAL B 305 21.04 -2.11 26.36
N LEU B 306 22.18 -2.77 26.19
CA LEU B 306 23.08 -3.03 27.31
C LEU B 306 23.63 -1.71 27.86
N LYS B 307 23.92 -0.76 26.97
CA LYS B 307 24.40 0.53 27.44
C LYS B 307 23.30 1.24 28.24
N LEU B 308 22.08 1.24 27.73
CA LEU B 308 21.00 1.88 28.50
C LEU B 308 20.79 1.18 29.85
N LEU B 309 21.11 -0.10 29.92
CA LEU B 309 21.02 -0.83 31.18
C LEU B 309 22.05 -0.38 32.25
N LYS B 310 23.30 -0.12 31.86
CA LYS B 310 24.28 0.37 32.83
C LYS B 310 23.75 1.65 33.48
N PHE B 311 23.41 2.64 32.65
CA PHE B 311 23.10 4.00 33.11
C PHE B 311 21.67 4.18 33.64
N SER B 312 20.96 3.08 33.88
CA SER B 312 19.63 3.15 34.47
C SER B 312 19.32 1.86 35.23
N ILE B 313 20.28 1.44 36.06
CA ILE B 313 20.18 0.18 36.81
C ILE B 313 18.87 0.04 37.57
PG ATP C . -12.55 7.21 -16.52
O1G ATP C . -13.63 7.16 -15.45
O2G ATP C . -11.94 5.87 -16.87
O3G ATP C . -11.55 8.33 -16.38
PB ATP C . -13.93 8.86 -18.47
O1B ATP C . -15.23 9.20 -17.78
O2B ATP C . -12.81 9.88 -18.62
O3B ATP C . -13.36 7.48 -17.89
PA ATP C . -15.63 7.73 -20.47
O1A ATP C . -16.44 7.25 -19.29
O2A ATP C . -16.18 8.73 -21.46
O3A ATP C . -14.21 8.33 -19.97
O5' ATP C . -15.17 6.47 -21.35
C5' ATP C . -14.26 6.74 -22.40
C4' ATP C . -14.55 5.82 -23.58
O4' ATP C . -14.70 4.47 -23.13
C3' ATP C . -15.89 6.16 -24.23
O3' ATP C . -15.77 7.22 -25.18
C2' ATP C . -16.24 4.86 -24.90
O2' ATP C . -15.71 4.81 -26.24
C1' ATP C . -15.59 3.80 -24.02
N9 ATP C . -16.72 3.20 -23.29
C8 ATP C . -17.27 3.72 -22.18
N7 ATP C . -18.30 2.94 -21.77
C5 ATP C . -18.42 1.93 -22.63
C6 ATP C . -19.32 0.75 -22.77
N6 ATP C . -20.31 0.52 -21.87
N1 ATP C . -19.10 -0.07 -23.83
C2 ATP C . -18.12 0.15 -24.72
N3 ATP C . -17.27 1.20 -24.65
C4 ATP C . -17.37 2.09 -23.64
MG MG D . -17.10 7.69 -17.13
MG MG E . -10.91 10.50 -17.64
NA NA F . -10.90 -2.39 -17.58
PG ATP G . 1.62 -2.40 20.99
O1G ATP G . 1.29 -3.77 20.64
O2G ATP G . 0.47 -1.48 20.95
O3G ATP G . 2.77 -1.88 20.24
PB ATP G . 1.60 -3.11 23.78
O1B ATP G . 1.54 -4.56 23.57
O2B ATP G . 0.41 -2.39 24.22
O3B ATP G . 2.12 -2.40 22.47
PA ATP G . 2.83 -1.74 25.98
O1A ATP G . 2.50 -2.44 27.24
O2A ATP G . 2.02 -0.54 25.68
O3A ATP G . 2.76 -2.76 24.78
O5' ATP G . 4.35 -1.34 25.96
C5' ATP G . 5.33 -2.37 26.08
C4' ATP G . 6.50 -1.85 26.87
O4' ATP G . 7.06 -0.71 26.18
C3' ATP G . 6.20 -1.31 28.26
O3' ATP G . 6.17 -2.35 29.23
C2' ATP G . 7.41 -0.42 28.50
O2' ATP G . 8.50 -1.12 29.07
C1' ATP G . 7.70 0.13 27.10
N9 ATP G . 7.17 1.46 26.97
C8 ATP G . 5.95 1.81 26.53
N7 ATP G . 5.76 3.11 26.56
C5 ATP G . 6.93 3.61 27.08
C6 ATP G . 7.35 4.91 27.39
N6 ATP G . 6.59 5.99 27.22
N1 ATP G . 8.58 5.06 27.91
C2 ATP G . 9.34 3.97 28.09
N3 ATP G . 9.04 2.71 27.84
C4 ATP G . 7.81 2.60 27.34
MG MG H . -0.50 -0.50 24.95
MG MG I . 1.50 -5.92 21.75
NA NA J . 8.97 3.08 17.51
#